data_7C7H
#
_entry.id   7C7H
#
_cell.length_a   40.121
_cell.length_b   52.314
_cell.length_c   76.683
_cell.angle_alpha   77.254
_cell.angle_beta   86.161
_cell.angle_gamma   77.639
#
_symmetry.space_group_name_H-M   'P 1'
#
loop_
_entity.id
_entity.type
_entity.pdbx_description
1 polymer 'Aldo-keto reductase family 1 member C3'
2 non-polymer 'NADP NICOTINAMIDE-ADENINE-DINUCLEOTIDE PHOSPHATE'
3 non-polymer 2-azanylidene-N-(3-ethylphenyl)-8-oxidanyl-chromene-3-carboxamide
4 water water
#
_entity_poly.entity_id   1
_entity_poly.type   'polypeptide(L)'
_entity_poly.pdbx_seq_one_letter_code
;GSMDSKHQCVKLNDGHFMPVLGFGTYAPPEVPRSKALEVTKLAIEAGFRHIDSAHLYNNEEQVGLAIRSKIADGSVKRED
IFYTSKLWSTFHRPELVRPALENSLKKAQLDYVDLYLIHSPMSLKPGEELSPTDENGKVIFDIVDLCTTWEAMEKCKDAG
LAKSIGVSNFNRRQLEMILNKPGLKYKPVCNQVECHPYFNRSKLLDFCKSKDIVLVAYSALGSQRDKRWVDPNSPVLLED
PVLCALAKKHKRTPALIALRYQLQRGVVVLAKSYNEQRIRQNVQVFEFQLTAEDMKAIDGLDRNLHYFNSDSFASHPNYP
YSDEY
;
_entity_poly.pdbx_strand_id   A,B
#
loop_
_chem_comp.id
_chem_comp.type
_chem_comp.name
_chem_comp.formula
FJU non-polymer 2-azanylidene-N-(3-ethylphenyl)-8-oxidanyl-chromene-3-carboxamide 'C18 H16 N2 O3'
NAP non-polymer 'NADP NICOTINAMIDE-ADENINE-DINUCLEOTIDE PHOSPHATE' 'C21 H28 N7 O17 P3'
#
# COMPACT_ATOMS: atom_id res chain seq x y z
N HIS A 7 1.61 -29.27 18.01
CA HIS A 7 2.87 -30.00 18.14
C HIS A 7 3.93 -29.51 17.16
N GLN A 8 3.48 -28.99 16.02
CA GLN A 8 4.38 -28.76 14.91
C GLN A 8 5.33 -27.59 15.16
N CYS A 9 6.54 -27.72 14.66
CA CYS A 9 7.57 -26.70 14.67
C CYS A 9 8.04 -26.44 13.25
N VAL A 10 8.64 -25.28 13.03
CA VAL A 10 9.34 -25.00 11.79
C VAL A 10 10.82 -24.85 12.11
N LYS A 11 11.68 -25.23 11.17
CA LYS A 11 13.12 -25.10 11.39
C LYS A 11 13.57 -23.70 11.00
N LEU A 12 14.37 -23.10 11.87
CA LEU A 12 14.85 -21.75 11.63
C LEU A 12 16.20 -21.81 10.94
N ASN A 13 16.51 -20.76 10.20
CA ASN A 13 17.73 -20.76 9.41
C ASN A 13 19.00 -20.80 10.27
N ASP A 14 18.92 -20.60 11.57
CA ASP A 14 20.05 -20.91 12.44
C ASP A 14 19.96 -22.33 13.00
N GLY A 15 18.98 -23.11 12.57
CA GLY A 15 18.90 -24.48 13.00
C GLY A 15 18.14 -24.73 14.29
N HIS A 16 17.64 -23.69 14.94
CA HIS A 16 16.69 -23.87 16.02
C HIS A 16 15.29 -24.06 15.46
N PHE A 17 14.37 -24.48 16.32
CA PHE A 17 13.01 -24.77 15.93
C PHE A 17 12.04 -23.85 16.66
N MET A 18 11.07 -23.32 15.93
CA MET A 18 10.06 -22.43 16.46
C MET A 18 8.68 -23.08 16.39
N PRO A 19 7.96 -23.28 17.49
CA PRO A 19 6.61 -23.84 17.34
C PRO A 19 5.73 -22.88 16.56
N VAL A 20 4.92 -23.44 15.64
CA VAL A 20 4.22 -22.59 14.68
C VAL A 20 2.99 -21.91 15.25
N LEU A 21 2.52 -22.29 16.43
CA LEU A 21 1.46 -21.56 17.11
C LEU A 21 2.02 -20.92 18.38
N GLY A 22 1.84 -19.61 18.50
CA GLY A 22 2.37 -18.87 19.63
C GLY A 22 1.28 -18.14 20.39
N PHE A 23 1.47 -18.02 21.71
CA PHE A 23 0.57 -17.32 22.60
C PHE A 23 0.99 -15.86 22.73
N GLY A 24 0.12 -14.94 22.34
CA GLY A 24 0.39 -13.52 22.56
C GLY A 24 -0.01 -13.08 23.96
N THR A 25 0.87 -12.32 24.62
CA THR A 25 0.69 -11.98 26.03
C THR A 25 0.35 -10.52 26.28
N TYR A 26 0.33 -9.67 25.25
CA TYR A 26 0.03 -8.27 25.49
C TYR A 26 -1.40 -8.10 26.00
N ALA A 27 -1.55 -7.24 27.01
CA ALA A 27 -2.81 -6.78 27.56
C ALA A 27 -2.67 -5.31 27.94
N PRO A 28 -3.72 -4.51 27.77
CA PRO A 28 -3.63 -3.05 28.04
C PRO A 28 -3.33 -2.76 29.50
N PRO A 29 -2.84 -1.56 29.81
CA PRO A 29 -2.46 -1.25 31.20
C PRO A 29 -3.57 -1.50 32.19
N GLU A 30 -4.82 -1.49 31.71
CA GLU A 30 -5.96 -1.64 32.61
C GLU A 30 -5.96 -3.02 33.26
N VAL A 31 -5.72 -4.05 32.45
CA VAL A 31 -5.75 -5.44 32.91
C VAL A 31 -4.69 -5.62 34.00
N PRO A 32 -5.07 -6.13 35.18
CA PRO A 32 -4.09 -6.27 36.26
C PRO A 32 -2.97 -7.22 35.86
N ARG A 33 -1.76 -6.90 36.32
CA ARG A 33 -0.59 -7.68 35.93
C ARG A 33 -0.72 -9.15 36.34
N SER A 34 -1.41 -9.45 37.44
CA SER A 34 -1.57 -10.84 37.83
C SER A 34 -2.18 -11.69 36.72
N LYS A 35 -3.02 -11.10 35.86
CA LYS A 35 -3.65 -11.89 34.80
C LYS A 35 -2.61 -12.48 33.85
N ALA A 36 -1.50 -11.80 33.62
CA ALA A 36 -0.47 -12.34 32.73
C ALA A 36 0.06 -13.67 33.24
N LEU A 37 0.21 -13.79 34.56
CA LEU A 37 0.63 -15.04 35.17
C LEU A 37 -0.41 -16.11 34.87
N GLU A 38 -1.67 -15.83 35.20
CA GLU A 38 -2.67 -16.89 35.17
C GLU A 38 -2.84 -17.44 33.76
N VAL A 39 -3.13 -16.56 32.81
CA VAL A 39 -3.41 -16.98 31.44
C VAL A 39 -2.20 -17.66 30.82
N THR A 40 -0.98 -17.22 31.17
CA THR A 40 0.18 -17.85 30.54
C THR A 40 0.30 -19.30 31.01
N LYS A 41 0.02 -19.54 32.30
CA LYS A 41 -0.02 -20.94 32.75
C LYS A 41 -1.12 -21.68 32.02
N LEU A 42 -2.31 -21.04 31.87
CA LEU A 42 -3.38 -21.66 31.11
C LEU A 42 -2.92 -21.96 29.69
N ALA A 43 -2.19 -21.03 29.07
CA ALA A 43 -1.79 -21.28 27.69
C ALA A 43 -0.87 -22.49 27.63
N ILE A 44 0.04 -22.59 28.60
CA ILE A 44 0.93 -23.75 28.62
C ILE A 44 0.15 -25.01 28.90
N GLU A 45 -0.79 -24.98 29.82
CA GLU A 45 -1.60 -26.15 30.09
C GLU A 45 -2.39 -26.58 28.85
N ALA A 46 -2.91 -25.62 28.10
CA ALA A 46 -3.63 -25.89 26.88
C ALA A 46 -2.83 -26.56 25.76
N GLY A 47 -1.56 -26.23 25.68
CA GLY A 47 -0.70 -26.76 24.66
C GLY A 47 0.23 -25.81 23.95
N PHE A 48 0.11 -24.52 24.19
CA PHE A 48 1.03 -23.59 23.59
C PHE A 48 2.43 -23.83 24.13
N ARG A 49 3.41 -23.70 23.26
CA ARG A 49 4.80 -23.83 23.63
C ARG A 49 5.62 -22.64 23.19
N HIS A 50 5.00 -21.72 22.46
CA HIS A 50 5.63 -20.50 21.96
C HIS A 50 4.92 -19.35 22.66
N ILE A 51 5.70 -18.44 23.26
CA ILE A 51 5.14 -17.43 24.15
C ILE A 51 5.77 -16.12 23.74
N ASP A 52 4.94 -15.17 23.32
CA ASP A 52 5.39 -13.89 22.84
C ASP A 52 5.17 -12.79 23.83
N SER A 53 6.25 -12.10 24.15
CA SER A 53 6.26 -10.99 25.08
C SER A 53 7.27 -9.94 24.64
N ALA A 54 7.40 -8.86 25.41
CA ALA A 54 8.30 -7.76 25.14
C ALA A 54 8.51 -6.85 26.34
N HIS A 55 9.61 -6.12 26.36
CA HIS A 55 9.80 -5.11 27.39
C HIS A 55 8.63 -4.15 27.44
N LEU A 56 8.10 -3.75 26.27
CA LEU A 56 6.99 -2.82 26.19
C LEU A 56 5.76 -3.32 26.93
N TYR A 57 5.52 -4.64 26.92
CA TYR A 57 4.25 -5.14 27.43
C TYR A 57 4.11 -5.05 28.95
N ASN A 58 5.18 -4.68 29.66
CA ASN A 58 5.18 -4.61 31.14
C ASN A 58 4.58 -5.88 31.76
N ASN A 59 5.01 -7.03 31.27
CA ASN A 59 4.54 -8.26 31.89
C ASN A 59 5.58 -9.37 31.96
N GLU A 60 6.85 -9.08 31.72
CA GLU A 60 7.83 -10.14 31.60
C GLU A 60 8.04 -10.85 32.93
N GLU A 61 7.90 -10.15 34.05
CA GLU A 61 7.94 -10.81 35.36
C GLU A 61 6.85 -11.87 35.45
N GLN A 62 5.61 -11.51 35.13
CA GLN A 62 4.51 -12.46 35.31
C GLN A 62 4.60 -13.61 34.30
N VAL A 63 4.98 -13.32 33.05
CA VAL A 63 5.03 -14.37 32.04
C VAL A 63 6.16 -15.35 32.36
N GLY A 64 7.32 -14.81 32.72
CA GLY A 64 8.41 -15.65 33.14
C GLY A 64 8.06 -16.47 34.36
N LEU A 65 7.32 -15.87 35.30
CA LEU A 65 6.92 -16.63 36.47
C LEU A 65 6.02 -17.81 36.08
N ALA A 66 5.11 -17.60 35.13
CA ALA A 66 4.25 -18.71 34.66
C ALA A 66 5.09 -19.82 34.04
N ILE A 67 6.05 -19.44 33.20
CA ILE A 67 6.92 -20.42 32.55
C ILE A 67 7.71 -21.21 33.60
N ARG A 68 8.35 -20.52 34.55
CA ARG A 68 9.07 -21.18 35.64
C ARG A 68 8.14 -22.09 36.47
N SER A 69 6.90 -21.66 36.67
CA SER A 69 5.97 -22.48 37.44
C SER A 69 5.68 -23.80 36.73
N LYS A 70 5.46 -23.74 35.40
CA LYS A 70 5.14 -24.96 34.64
C LYS A 70 6.36 -25.87 34.51
N ILE A 71 7.55 -25.30 34.42
CA ILE A 71 8.76 -26.12 34.49
C ILE A 71 8.86 -26.80 35.86
N ALA A 72 8.63 -26.02 36.93
CA ALA A 72 8.82 -26.51 38.30
C ALA A 72 7.71 -27.44 38.77
N ASP A 73 6.48 -27.31 38.26
CA ASP A 73 5.53 -28.36 38.62
C ASP A 73 5.69 -29.61 37.76
N GLY A 74 6.69 -29.65 36.86
CA GLY A 74 6.96 -30.81 36.05
C GLY A 74 6.18 -30.93 34.75
N SER A 75 5.45 -29.88 34.35
CA SER A 75 4.59 -29.96 33.18
C SER A 75 5.39 -29.96 31.88
N VAL A 76 6.49 -29.24 31.84
CA VAL A 76 7.32 -29.08 30.64
C VAL A 76 8.73 -28.84 31.16
N LYS A 77 9.68 -28.83 30.24
CA LYS A 77 11.05 -28.43 30.55
C LYS A 77 11.35 -27.14 29.80
N ARG A 78 12.36 -26.41 30.29
CA ARG A 78 12.73 -25.16 29.64
C ARG A 78 12.86 -25.34 28.13
N GLU A 79 13.33 -26.52 27.70
CA GLU A 79 13.56 -26.76 26.29
C GLU A 79 12.25 -26.84 25.51
N ASP A 80 11.16 -27.19 26.17
CA ASP A 80 9.87 -27.25 25.48
C ASP A 80 9.31 -25.87 25.15
N ILE A 81 9.71 -24.83 25.88
CA ILE A 81 9.14 -23.50 25.73
C ILE A 81 10.01 -22.67 24.81
N PHE A 82 9.36 -21.96 23.90
CA PHE A 82 10.01 -21.02 23.00
C PHE A 82 9.53 -19.63 23.43
N TYR A 83 10.39 -18.87 24.10
CA TYR A 83 10.03 -17.59 24.69
C TYR A 83 10.65 -16.43 23.92
N THR A 84 9.83 -15.46 23.55
CA THR A 84 10.28 -14.33 22.76
C THR A 84 10.18 -13.06 23.59
N SER A 85 11.24 -12.26 23.57
CA SER A 85 11.18 -10.89 24.06
C SER A 85 11.62 -9.96 22.94
N LYS A 86 11.46 -8.67 23.19
CA LYS A 86 11.65 -7.70 22.13
C LYS A 86 12.44 -6.55 22.71
N LEU A 87 13.44 -6.12 21.96
CA LEU A 87 14.20 -4.92 22.28
C LEU A 87 13.38 -3.69 21.89
N TRP A 88 13.06 -2.85 22.87
CA TRP A 88 12.25 -1.67 22.62
C TRP A 88 13.07 -0.58 21.93
N SER A 89 12.39 0.36 21.27
CA SER A 89 13.08 1.27 20.36
C SER A 89 13.82 2.42 21.04
N THR A 90 13.60 2.65 22.34
CA THR A 90 14.52 3.50 23.10
C THR A 90 15.84 2.82 23.40
N PHE A 91 16.06 1.60 22.90
CA PHE A 91 17.29 0.87 23.21
C PHE A 91 18.08 0.54 21.96
N HIS A 92 17.88 1.25 20.85
CA HIS A 92 18.51 0.86 19.59
C HIS A 92 20.01 1.20 19.53
N ARG A 93 20.48 2.17 20.29
CA ARG A 93 21.92 2.39 20.31
C ARG A 93 22.61 1.11 20.76
N PRO A 94 23.65 0.64 20.06
CA PRO A 94 24.21 -0.70 20.32
C PRO A 94 24.58 -0.96 21.76
N GLU A 95 25.18 0.02 22.44
CA GLU A 95 25.62 -0.20 23.81
C GLU A 95 24.45 -0.42 24.74
N LEU A 96 23.23 -0.13 24.29
CA LEU A 96 22.04 -0.34 25.07
C LEU A 96 21.38 -1.70 24.83
N VAL A 97 21.82 -2.43 23.81
CA VAL A 97 21.11 -3.64 23.39
C VAL A 97 21.27 -4.76 24.42
N ARG A 98 22.52 -5.11 24.72
CA ARG A 98 22.73 -6.21 25.66
C ARG A 98 22.20 -5.93 27.07
N PRO A 99 22.33 -4.73 27.64
CA PRO A 99 21.71 -4.52 28.96
C PRO A 99 20.21 -4.70 28.94
N ALA A 100 19.53 -4.19 27.89
CA ALA A 100 18.09 -4.35 27.80
C ALA A 100 17.71 -5.82 27.85
N LEU A 101 18.41 -6.63 27.06
CA LEU A 101 18.18 -8.07 27.09
C LEU A 101 18.37 -8.60 28.51
N GLU A 102 19.52 -8.26 29.13
CA GLU A 102 19.79 -8.74 30.48
C GLU A 102 18.67 -8.33 31.43
N ASN A 103 18.14 -7.13 31.26
CA ASN A 103 17.10 -6.68 32.17
C ASN A 103 15.84 -7.51 31.97
N SER A 104 15.48 -7.73 30.70
CA SER A 104 14.36 -8.61 30.39
C SER A 104 14.58 -9.97 31.03
N LEU A 105 15.79 -10.50 30.93
CA LEU A 105 16.04 -11.81 31.53
C LEU A 105 15.94 -11.75 33.04
N LYS A 106 16.50 -10.68 33.65
CA LYS A 106 16.37 -10.55 35.10
C LYS A 106 14.92 -10.45 35.51
N LYS A 107 14.10 -9.77 34.70
CA LYS A 107 12.70 -9.64 35.04
C LYS A 107 11.99 -10.97 34.90
N ALA A 108 12.32 -11.72 33.84
CA ALA A 108 11.59 -12.96 33.59
C ALA A 108 12.17 -14.13 34.37
N GLN A 109 13.36 -13.95 34.95
CA GLN A 109 14.01 -15.00 35.75
C GLN A 109 14.35 -16.24 34.88
N LEU A 110 14.69 -16.03 33.61
CA LEU A 110 15.23 -17.06 32.75
C LEU A 110 16.67 -16.70 32.39
N ASP A 111 17.43 -17.72 32.00
CA ASP A 111 18.83 -17.53 31.63
C ASP A 111 19.00 -17.08 30.19
N TYR A 112 18.03 -17.38 29.32
CA TYR A 112 18.09 -16.95 27.92
C TYR A 112 16.67 -16.83 27.38
N VAL A 113 16.52 -16.07 26.31
CA VAL A 113 15.31 -16.16 25.51
C VAL A 113 15.60 -17.03 24.31
N ASP A 114 14.60 -17.76 23.84
CA ASP A 114 14.77 -18.47 22.57
C ASP A 114 14.82 -17.50 21.39
N LEU A 115 14.15 -16.34 21.51
CA LEU A 115 14.05 -15.38 20.42
C LEU A 115 14.12 -13.95 20.95
N TYR A 116 15.04 -13.16 20.41
CA TYR A 116 15.08 -11.73 20.70
C TYR A 116 14.87 -10.98 19.40
N LEU A 117 13.93 -10.04 19.42
CA LEU A 117 13.52 -9.28 18.25
C LEU A 117 13.86 -7.82 18.45
N ILE A 118 14.27 -7.16 17.37
CA ILE A 118 14.15 -5.71 17.31
C ILE A 118 12.67 -5.38 17.16
N HIS A 119 12.09 -4.74 18.18
CA HIS A 119 10.64 -4.62 18.24
C HIS A 119 10.09 -3.84 17.05
N SER A 120 10.71 -2.71 16.74
CA SER A 120 10.30 -1.84 15.64
C SER A 120 11.54 -1.21 14.99
N PRO A 121 11.47 -0.86 13.71
CA PRO A 121 12.62 -0.19 13.07
C PRO A 121 12.79 1.26 13.49
N MET A 122 11.73 1.92 13.93
CA MET A 122 11.77 3.35 14.16
C MET A 122 12.35 3.65 15.54
N SER A 123 13.59 4.16 15.56
CA SER A 123 14.35 4.35 16.79
C SER A 123 13.86 5.56 17.56
N LEU A 124 13.87 5.46 18.89
CA LEU A 124 13.42 6.54 19.77
C LEU A 124 14.56 7.09 20.59
N LYS A 125 14.32 8.24 21.20
CA LYS A 125 15.35 8.89 22.02
C LYS A 125 15.66 8.04 23.26
N PRO A 126 16.93 7.71 23.49
CA PRO A 126 17.28 6.88 24.66
C PRO A 126 17.04 7.64 25.95
N GLY A 127 16.42 6.96 26.89
CA GLY A 127 16.17 7.52 28.22
C GLY A 127 15.50 6.47 29.06
N GLU A 128 15.22 6.83 30.31
CA GLU A 128 14.52 5.90 31.18
C GLU A 128 13.03 5.82 30.85
N GLU A 129 12.51 6.74 30.05
CA GLU A 129 11.12 6.71 29.63
C GLU A 129 10.98 5.86 28.38
N LEU A 130 9.81 5.25 28.23
CA LEU A 130 9.56 4.29 27.15
C LEU A 130 9.05 4.94 25.88
N SER A 131 8.28 6.03 25.99
CA SER A 131 7.92 6.86 24.85
C SER A 131 8.26 8.29 25.22
N PRO A 132 9.46 8.76 24.88
CA PRO A 132 9.87 10.10 25.30
C PRO A 132 9.15 11.16 24.47
N THR A 133 8.55 12.12 25.16
CA THR A 133 7.75 13.18 24.55
C THR A 133 8.29 14.53 24.98
N ASP A 134 8.38 15.45 24.02
CA ASP A 134 8.83 16.82 24.29
C ASP A 134 7.65 17.64 24.84
N GLU A 135 7.84 18.95 24.98
CA GLU A 135 6.92 19.76 25.76
C GLU A 135 5.53 19.81 25.14
N ASN A 136 5.43 19.62 23.83
CA ASN A 136 4.13 19.62 23.17
C ASN A 136 3.52 18.22 23.07
N GLY A 137 4.11 17.24 23.76
CA GLY A 137 3.61 15.89 23.74
C GLY A 137 3.97 15.10 22.50
N LYS A 138 4.88 15.60 21.66
CA LYS A 138 5.32 14.87 20.50
C LYS A 138 6.48 13.94 20.88
N VAL A 139 6.49 12.75 20.28
CA VAL A 139 7.51 11.76 20.60
C VAL A 139 8.84 12.16 19.95
N ILE A 140 9.92 12.01 20.69
CA ILE A 140 11.24 12.39 20.21
C ILE A 140 11.92 11.17 19.59
N PHE A 141 12.29 11.30 18.31
CA PHE A 141 12.92 10.23 17.57
C PHE A 141 14.43 10.22 17.83
N ASP A 142 15.07 9.12 17.45
CA ASP A 142 16.52 9.02 17.41
C ASP A 142 16.92 8.53 16.03
N ILE A 143 18.10 8.92 15.59
CA ILE A 143 18.65 8.44 14.32
C ILE A 143 19.70 7.41 14.65
N VAL A 144 19.41 6.15 14.35
CA VAL A 144 20.32 5.05 14.61
C VAL A 144 20.38 4.16 13.37
N ASP A 145 21.59 3.78 12.99
CA ASP A 145 21.83 2.84 11.89
C ASP A 145 21.54 1.44 12.40
N LEU A 146 20.39 0.89 12.00
CA LEU A 146 19.93 -0.38 12.55
C LEU A 146 20.89 -1.54 12.28
N CYS A 147 21.85 -1.38 11.36
CA CYS A 147 22.85 -2.42 11.22
C CYS A 147 23.72 -2.54 12.46
N THR A 148 23.95 -1.40 13.15
CA THR A 148 24.71 -1.49 14.40
C THR A 148 23.88 -2.16 15.49
N THR A 149 22.58 -1.87 15.53
CA THR A 149 21.70 -2.61 16.42
C THR A 149 21.82 -4.10 16.14
N TRP A 150 21.81 -4.47 14.86
CA TRP A 150 21.89 -5.89 14.54
C TRP A 150 23.18 -6.49 15.06
N GLU A 151 24.31 -5.78 14.91
CA GLU A 151 25.56 -6.32 15.44
C GLU A 151 25.45 -6.59 16.93
N ALA A 152 24.88 -5.65 17.68
CA ALA A 152 24.74 -5.88 19.12
C ALA A 152 23.83 -7.09 19.40
N MET A 153 22.81 -7.26 18.56
CA MET A 153 21.96 -8.46 18.65
C MET A 153 22.78 -9.74 18.43
N GLU A 154 23.61 -9.75 17.39
CA GLU A 154 24.45 -10.91 17.12
C GLU A 154 25.34 -11.22 18.30
N LYS A 155 25.83 -10.17 18.97
CA LYS A 155 26.65 -10.37 20.16
C LYS A 155 25.85 -11.05 21.27
N CYS A 156 24.57 -10.69 21.40
CA CYS A 156 23.70 -11.42 22.34
C CYS A 156 23.58 -12.89 21.97
N LYS A 157 23.46 -13.18 20.66
CA LYS A 157 23.38 -14.59 20.26
C LYS A 157 24.64 -15.35 20.69
N ASP A 158 25.82 -14.81 20.35
CA ASP A 158 27.08 -15.46 20.75
C ASP A 158 27.20 -15.61 22.25
N ALA A 159 26.66 -14.67 23.03
CA ALA A 159 26.74 -14.83 24.48
C ALA A 159 25.83 -15.93 25.02
N GLY A 160 24.93 -16.48 24.21
CA GLY A 160 23.97 -17.44 24.71
C GLY A 160 22.75 -16.82 25.36
N LEU A 161 22.66 -15.49 25.38
CA LEU A 161 21.53 -14.80 25.98
C LEU A 161 20.27 -14.95 25.13
N ALA A 162 20.42 -15.10 23.82
CA ALA A 162 19.31 -15.34 22.90
C ALA A 162 19.70 -16.46 21.95
N LYS A 163 18.88 -17.52 21.92
CA LYS A 163 19.15 -18.64 21.02
C LYS A 163 19.10 -18.18 19.56
N SER A 164 18.05 -17.47 19.19
CA SER A 164 17.84 -16.95 17.85
C SER A 164 17.49 -15.48 17.95
N ILE A 165 17.79 -14.75 16.88
CA ILE A 165 17.53 -13.32 16.83
C ILE A 165 16.77 -13.00 15.55
N GLY A 166 15.86 -12.06 15.65
CA GLY A 166 15.13 -11.63 14.47
C GLY A 166 14.65 -10.20 14.65
N VAL A 167 13.70 -9.82 13.79
CA VAL A 167 13.21 -8.45 13.73
C VAL A 167 11.69 -8.45 13.69
N SER A 168 11.12 -7.26 13.82
CA SER A 168 9.67 -7.16 13.82
C SER A 168 9.30 -5.81 13.26
N ASN A 169 8.24 -5.79 12.45
CA ASN A 169 7.71 -4.58 11.79
C ASN A 169 8.64 -4.02 10.74
N PHE A 170 9.50 -4.84 10.17
CA PHE A 170 10.44 -4.41 9.14
C PHE A 170 9.83 -4.66 7.76
N ASN A 171 10.11 -3.74 6.84
CA ASN A 171 9.67 -3.94 5.47
C ASN A 171 10.79 -4.60 4.66
N ARG A 172 10.51 -4.78 3.36
CA ARG A 172 11.47 -5.36 2.43
C ARG A 172 12.81 -4.65 2.46
N ARG A 173 12.79 -3.31 2.44
CA ARG A 173 14.03 -2.53 2.42
C ARG A 173 14.86 -2.79 3.67
N GLN A 174 14.24 -2.69 4.84
CA GLN A 174 14.96 -2.86 6.10
C GLN A 174 15.49 -4.29 6.26
N LEU A 175 14.70 -5.27 5.81
CA LEU A 175 15.17 -6.65 5.78
C LEU A 175 16.46 -6.80 4.99
N GLU A 176 16.48 -6.28 3.76
CA GLU A 176 17.65 -6.51 2.92
C GLU A 176 18.85 -5.68 3.39
N MET A 177 18.59 -4.51 3.98
CA MET A 177 19.65 -3.74 4.64
C MET A 177 20.32 -4.54 5.74
N ILE A 178 19.56 -5.38 6.44
CA ILE A 178 20.21 -6.29 7.39
C ILE A 178 20.91 -7.41 6.63
N LEU A 179 20.29 -7.92 5.57
CA LEU A 179 20.82 -9.09 4.87
C LEU A 179 22.09 -8.76 4.10
N ASN A 180 22.22 -7.55 3.56
CA ASN A 180 23.43 -7.13 2.87
C ASN A 180 24.59 -6.78 3.81
N LYS A 181 24.45 -6.98 5.10
CA LYS A 181 25.36 -6.34 6.04
C LYS A 181 26.76 -6.94 5.97
N PRO A 182 27.80 -6.11 5.85
CA PRO A 182 29.17 -6.63 5.83
C PRO A 182 29.50 -7.35 7.12
N GLY A 183 30.10 -8.53 6.99
CA GLY A 183 30.42 -9.32 8.16
C GLY A 183 29.21 -9.85 8.89
N LEU A 184 28.04 -9.84 8.24
CA LEU A 184 26.85 -10.44 8.81
C LEU A 184 27.16 -11.83 9.34
N LYS A 185 27.00 -12.01 10.64
CA LYS A 185 27.17 -13.33 11.23
C LYS A 185 25.89 -14.14 11.18
N TYR A 186 24.74 -13.53 11.44
CA TYR A 186 23.48 -14.27 11.54
C TYR A 186 22.36 -13.54 10.82
N LYS A 187 21.65 -14.28 9.97
CA LYS A 187 20.41 -13.78 9.42
C LYS A 187 19.37 -13.68 10.53
N PRO A 188 18.39 -12.79 10.37
CA PRO A 188 17.19 -12.85 11.21
C PRO A 188 16.45 -14.14 10.92
N VAL A 189 16.15 -14.91 11.96
CA VAL A 189 15.38 -16.13 11.75
C VAL A 189 13.96 -15.80 11.34
N CYS A 190 13.52 -14.57 11.60
CA CYS A 190 12.10 -14.29 11.51
C CYS A 190 11.87 -12.79 11.39
N ASN A 191 10.69 -12.48 10.89
CA ASN A 191 10.16 -11.12 10.82
C ASN A 191 8.74 -11.19 11.33
N GLN A 192 8.45 -10.49 12.43
CA GLN A 192 7.13 -10.56 13.06
C GLN A 192 6.37 -9.29 12.73
N VAL A 193 5.31 -9.43 11.93
CA VAL A 193 4.52 -8.30 11.42
C VAL A 193 3.05 -8.64 11.50
N GLU A 194 2.23 -7.60 11.45
CA GLU A 194 0.78 -7.76 11.37
C GLU A 194 0.36 -8.52 10.11
N CYS A 195 -0.50 -9.52 10.29
CA CYS A 195 -0.86 -10.41 9.21
C CYS A 195 -2.16 -11.12 9.58
N HIS A 196 -3.11 -11.07 8.68
CA HIS A 196 -4.42 -11.68 8.82
C HIS A 196 -5.15 -11.65 7.47
N PRO A 197 -6.38 -12.13 7.37
CA PRO A 197 -7.02 -12.12 6.05
C PRO A 197 -7.25 -10.72 5.42
N TYR A 198 -7.31 -9.64 6.17
CA TYR A 198 -7.44 -8.35 5.57
C TYR A 198 -6.08 -7.69 5.25
N PHE A 199 -4.97 -8.36 5.55
CA PHE A 199 -3.64 -7.84 5.27
C PHE A 199 -2.72 -9.01 5.23
N ASN A 200 -2.78 -9.81 4.20
CA ASN A 200 -2.03 -11.04 4.12
C ASN A 200 -0.53 -11.06 3.89
N ARG A 201 0.03 -9.95 3.46
CA ARG A 201 1.48 -9.83 3.28
C ARG A 201 2.03 -10.90 2.32
N SER A 202 1.23 -11.21 1.28
CA SER A 202 1.62 -12.30 0.38
C SER A 202 2.98 -12.03 -0.28
N LYS A 203 3.23 -10.78 -0.67
CA LYS A 203 4.51 -10.45 -1.28
C LYS A 203 5.64 -10.47 -0.26
N LEU A 204 5.44 -9.80 0.89
CA LEU A 204 6.43 -9.86 1.96
C LEU A 204 6.70 -11.30 2.37
N LEU A 205 5.65 -12.12 2.45
CA LEU A 205 5.81 -13.53 2.81
C LEU A 205 6.62 -14.28 1.76
N ASP A 206 6.33 -14.02 0.48
CA ASP A 206 7.07 -14.69 -0.58
C ASP A 206 8.54 -14.32 -0.53
N PHE A 207 8.82 -13.03 -0.35
CA PHE A 207 10.19 -12.59 -0.11
C PHE A 207 10.83 -13.44 0.99
N CYS A 208 10.19 -13.46 2.16
CA CYS A 208 10.77 -14.16 3.29
C CYS A 208 11.06 -15.61 2.97
N LYS A 209 10.06 -16.31 2.40
CA LYS A 209 10.29 -17.68 2.00
C LYS A 209 11.52 -17.78 1.13
N SER A 210 11.72 -16.81 0.23
CA SER A 210 12.92 -16.83 -0.59
C SER A 210 14.18 -16.71 0.26
N LYS A 211 14.14 -15.90 1.32
CA LYS A 211 15.33 -15.64 2.12
C LYS A 211 15.47 -16.58 3.32
N ASP A 212 14.55 -17.52 3.51
CA ASP A 212 14.56 -18.43 4.65
C ASP A 212 14.32 -17.68 5.97
N ILE A 213 13.51 -16.63 5.92
CA ILE A 213 13.09 -15.86 7.09
C ILE A 213 11.63 -16.18 7.37
N VAL A 214 11.33 -16.71 8.55
CA VAL A 214 9.94 -17.02 8.90
C VAL A 214 9.14 -15.73 9.03
N LEU A 215 7.95 -15.71 8.45
CA LEU A 215 7.02 -14.63 8.74
C LEU A 215 6.18 -15.04 9.96
N VAL A 216 6.10 -14.15 10.95
CA VAL A 216 5.29 -14.37 12.15
C VAL A 216 4.16 -13.37 12.14
N ALA A 217 2.94 -13.87 12.17
CA ALA A 217 1.75 -13.04 12.15
C ALA A 217 1.37 -12.62 13.55
N TYR A 218 1.10 -11.33 13.73
CA TYR A 218 0.44 -10.85 14.93
C TYR A 218 -0.83 -10.10 14.53
N SER A 219 -1.64 -9.78 15.54
CA SER A 219 -3.00 -9.31 15.32
C SER A 219 -3.72 -10.18 14.29
N ALA A 220 -3.36 -11.47 14.28
CA ALA A 220 -3.90 -12.41 13.31
C ALA A 220 -5.35 -12.74 13.57
N LEU A 221 -5.89 -12.31 14.70
CA LEU A 221 -7.31 -12.41 14.98
C LEU A 221 -7.98 -11.07 14.83
N GLY A 222 -7.21 -10.04 14.50
CA GLY A 222 -7.76 -8.74 14.24
C GLY A 222 -7.55 -7.71 15.29
N SER A 223 -6.49 -7.83 16.13
CA SER A 223 -6.14 -6.70 16.98
C SER A 223 -7.11 -6.82 18.14
N GLN A 224 -6.73 -6.33 19.32
CA GLN A 224 -7.63 -6.30 20.48
C GLN A 224 -8.43 -5.00 20.37
N ARG A 225 -8.10 -4.14 19.37
CA ARG A 225 -8.95 -3.01 18.98
C ARG A 225 -8.95 -1.93 20.07
N ASP A 226 -7.76 -1.65 20.59
CA ASP A 226 -7.63 -0.61 21.60
C ASP A 226 -8.07 0.73 21.02
N LYS A 227 -8.80 1.50 21.84
CA LYS A 227 -9.21 2.85 21.43
C LYS A 227 -8.00 3.68 21.05
N ARG A 228 -6.97 3.60 21.82
CA ARG A 228 -5.83 4.42 21.58
C ARG A 228 -5.18 4.18 20.29
N TRP A 229 -5.18 2.95 19.81
CA TRP A 229 -4.51 2.68 18.58
C TRP A 229 -5.34 2.30 17.40
N VAL A 230 -6.55 1.82 17.59
CA VAL A 230 -7.31 1.31 16.48
C VAL A 230 -8.59 2.06 16.25
N ASP A 231 -8.87 2.38 14.99
CA ASP A 231 -10.09 3.13 14.69
C ASP A 231 -11.29 2.21 14.81
N PRO A 232 -12.22 2.48 15.73
CA PRO A 232 -13.31 1.52 15.97
C PRO A 232 -14.24 1.35 14.80
N ASN A 233 -14.20 2.25 13.82
CA ASN A 233 -15.01 2.05 12.62
C ASN A 233 -14.42 1.01 11.69
N SER A 234 -13.20 0.57 11.92
CA SER A 234 -12.61 -0.41 11.04
C SER A 234 -13.39 -1.73 11.12
N PRO A 235 -13.40 -2.51 10.04
CA PRO A 235 -14.00 -3.85 10.07
C PRO A 235 -13.50 -4.68 11.25
N VAL A 236 -14.42 -5.43 11.86
CA VAL A 236 -14.06 -6.46 12.84
C VAL A 236 -13.79 -7.76 12.08
N LEU A 237 -12.54 -8.25 12.16
CA LEU A 237 -12.14 -9.41 11.36
C LEU A 237 -12.94 -10.66 11.71
N LEU A 238 -13.29 -10.83 12.98
CA LEU A 238 -13.98 -12.04 13.40
C LEU A 238 -15.48 -11.99 13.12
N GLU A 239 -15.97 -10.87 12.60
CA GLU A 239 -17.34 -10.76 12.12
C GLU A 239 -17.45 -10.94 10.61
N ASP A 240 -16.33 -11.19 9.94
CA ASP A 240 -16.31 -11.26 8.49
C ASP A 240 -17.28 -12.34 7.99
N PRO A 241 -18.09 -12.06 6.97
CA PRO A 241 -19.03 -13.09 6.46
C PRO A 241 -18.35 -14.36 5.98
N VAL A 242 -17.20 -14.25 5.34
CA VAL A 242 -16.56 -15.44 4.78
C VAL A 242 -15.93 -16.30 5.88
N LEU A 243 -15.37 -15.67 6.90
CA LEU A 243 -14.85 -16.46 8.01
C LEU A 243 -15.98 -17.11 8.79
N CYS A 244 -17.09 -16.38 8.97
CA CYS A 244 -18.24 -16.96 9.66
C CYS A 244 -18.83 -18.12 8.87
N ALA A 245 -18.88 -17.97 7.54
CA ALA A 245 -19.32 -19.07 6.68
C ALA A 245 -18.43 -20.28 6.83
N LEU A 246 -17.11 -20.10 6.69
CA LEU A 246 -16.20 -21.23 6.77
C LEU A 246 -16.23 -21.87 8.16
N ALA A 247 -16.39 -21.06 9.20
CA ALA A 247 -16.49 -21.56 10.57
C ALA A 247 -17.70 -22.46 10.72
N LYS A 248 -18.86 -22.02 10.25
CA LYS A 248 -20.02 -22.91 10.33
C LYS A 248 -19.86 -24.13 9.44
N LYS A 249 -19.14 -24.02 8.32
CA LYS A 249 -18.91 -25.17 7.44
C LYS A 249 -18.07 -26.24 8.13
N HIS A 250 -16.96 -25.84 8.76
CA HIS A 250 -16.09 -26.81 9.41
C HIS A 250 -16.48 -27.07 10.85
N LYS A 251 -17.53 -26.42 11.35
CA LYS A 251 -17.95 -26.50 12.76
C LYS A 251 -16.80 -26.10 13.68
N ARG A 252 -16.16 -24.99 13.32
CA ARG A 252 -15.08 -24.38 14.10
C ARG A 252 -15.53 -22.92 14.32
N THR A 253 -14.60 -22.05 14.66
CA THR A 253 -14.94 -20.65 14.88
C THR A 253 -14.18 -19.76 13.91
N PRO A 254 -14.60 -18.49 13.72
CA PRO A 254 -13.86 -17.63 12.80
C PRO A 254 -12.38 -17.52 13.17
N ALA A 255 -12.09 -17.39 14.45
CA ALA A 255 -10.70 -17.30 14.91
C ALA A 255 -9.90 -18.53 14.50
N LEU A 256 -10.49 -19.73 14.67
CA LEU A 256 -9.82 -20.95 14.22
C LEU A 256 -9.56 -20.91 12.72
N ILE A 257 -10.52 -20.41 11.93
CA ILE A 257 -10.30 -20.27 10.49
C ILE A 257 -9.11 -19.35 10.22
N ALA A 258 -9.07 -18.20 10.88
CA ALA A 258 -7.98 -17.25 10.65
C ALA A 258 -6.61 -17.89 10.92
N LEU A 259 -6.47 -18.49 12.11
CA LEU A 259 -5.22 -19.11 12.51
C LEU A 259 -4.82 -20.23 11.55
N ARG A 260 -5.78 -21.11 11.20
CA ARG A 260 -5.46 -22.17 10.26
C ARG A 260 -5.05 -21.62 8.90
N TYR A 261 -5.68 -20.51 8.49
CA TYR A 261 -5.32 -19.86 7.24
C TYR A 261 -3.84 -19.55 7.23
N GLN A 262 -3.35 -18.93 8.32
CA GLN A 262 -1.91 -18.64 8.38
C GLN A 262 -1.08 -19.92 8.37
N LEU A 263 -1.50 -20.93 9.15
CA LEU A 263 -0.68 -22.14 9.21
C LEU A 263 -0.50 -22.75 7.83
N GLN A 264 -1.53 -22.76 7.00
CA GLN A 264 -1.40 -23.50 5.75
C GLN A 264 -0.62 -22.74 4.69
N ARG A 265 -0.50 -21.43 4.81
CA ARG A 265 0.35 -20.64 3.92
C ARG A 265 1.75 -20.44 4.49
N GLY A 266 2.15 -21.25 5.47
CA GLY A 266 3.53 -21.24 5.92
C GLY A 266 3.89 -20.10 6.85
N VAL A 267 2.91 -19.57 7.57
CA VAL A 267 3.09 -18.44 8.49
C VAL A 267 2.99 -18.97 9.91
N VAL A 268 3.97 -18.63 10.76
CA VAL A 268 3.84 -18.83 12.20
C VAL A 268 2.92 -17.74 12.75
N VAL A 269 1.93 -18.14 13.56
CA VAL A 269 0.84 -17.24 13.92
C VAL A 269 0.73 -17.11 15.43
N LEU A 270 0.48 -15.89 15.90
CA LEU A 270 0.26 -15.61 17.31
C LEU A 270 -1.22 -15.45 17.58
N ALA A 271 -1.65 -15.87 18.77
CA ALA A 271 -3.02 -15.69 19.18
C ALA A 271 -3.04 -15.22 20.64
N LYS A 272 -3.52 -14.00 20.84
CA LYS A 272 -3.70 -13.47 22.17
C LYS A 272 -5.08 -13.85 22.65
N SER A 273 -5.15 -14.36 23.88
CA SER A 273 -6.43 -14.52 24.54
C SER A 273 -6.17 -14.56 26.04
N TYR A 274 -6.90 -13.72 26.80
CA TYR A 274 -6.91 -13.81 28.25
C TYR A 274 -8.18 -14.49 28.78
N ASN A 275 -8.88 -15.21 27.94
CA ASN A 275 -10.05 -15.97 28.32
C ASN A 275 -9.72 -17.46 28.28
N GLU A 276 -9.99 -18.18 29.39
CA GLU A 276 -9.54 -19.57 29.49
C GLU A 276 -10.15 -20.45 28.40
N GLN A 277 -11.44 -20.26 28.09
CA GLN A 277 -12.06 -21.09 27.06
C GLN A 277 -11.47 -20.81 25.68
N ARG A 278 -11.22 -19.54 25.36
CA ARG A 278 -10.66 -19.25 24.05
C ARG A 278 -9.19 -19.68 23.98
N ILE A 279 -8.46 -19.56 25.09
CA ILE A 279 -7.10 -20.10 25.14
C ILE A 279 -7.09 -21.57 24.74
N ARG A 280 -7.97 -22.37 25.38
CA ARG A 280 -8.03 -23.81 25.06
C ARG A 280 -8.61 -24.08 23.68
N GLN A 281 -9.45 -23.18 23.17
CA GLN A 281 -10.02 -23.40 21.83
C GLN A 281 -8.97 -23.17 20.73
N ASN A 282 -8.14 -22.15 20.91
CA ASN A 282 -7.17 -21.76 19.89
C ASN A 282 -6.22 -22.90 19.50
N VAL A 283 -5.90 -23.81 20.42
CA VAL A 283 -4.99 -24.90 20.05
C VAL A 283 -5.65 -25.96 19.20
N GLN A 284 -6.97 -25.92 19.02
CA GLN A 284 -7.59 -26.83 18.07
C GLN A 284 -7.25 -26.50 16.63
N VAL A 285 -6.41 -25.50 16.38
CA VAL A 285 -6.08 -25.16 15.00
C VAL A 285 -5.37 -26.31 14.30
N PHE A 286 -4.81 -27.23 15.07
CA PHE A 286 -4.15 -28.41 14.53
C PHE A 286 -5.11 -29.55 14.25
N GLU A 287 -6.42 -29.35 14.47
CA GLU A 287 -7.35 -30.47 14.43
C GLU A 287 -8.12 -30.58 13.13
N PHE A 288 -7.92 -29.66 12.19
CA PHE A 288 -8.70 -29.63 10.96
C PHE A 288 -7.91 -28.86 9.91
N GLN A 289 -8.34 -29.03 8.64
CA GLN A 289 -7.72 -28.34 7.53
C GLN A 289 -8.75 -27.58 6.71
N LEU A 290 -8.29 -26.54 6.04
CA LEU A 290 -9.09 -25.82 5.06
C LEU A 290 -8.75 -26.34 3.67
N THR A 291 -9.75 -26.39 2.80
CA THR A 291 -9.52 -26.78 1.42
C THR A 291 -8.80 -25.67 0.66
N ALA A 292 -8.12 -26.07 -0.42
CA ALA A 292 -7.50 -25.08 -1.31
C ALA A 292 -8.49 -24.01 -1.73
N GLU A 293 -9.78 -24.37 -1.85
CA GLU A 293 -10.78 -23.36 -2.20
C GLU A 293 -11.12 -22.48 -1.01
N ASP A 294 -11.13 -23.05 0.21
CA ASP A 294 -11.26 -22.21 1.40
C ASP A 294 -10.09 -21.22 1.47
N MET A 295 -8.88 -21.71 1.20
CA MET A 295 -7.71 -20.84 1.15
C MET A 295 -7.92 -19.71 0.15
N LYS A 296 -8.42 -20.06 -1.05
CA LYS A 296 -8.66 -19.05 -2.08
C LYS A 296 -9.65 -17.99 -1.59
N ALA A 297 -10.75 -18.43 -0.98
CA ALA A 297 -11.78 -17.50 -0.52
C ALA A 297 -11.26 -16.57 0.58
N ILE A 298 -10.37 -17.07 1.45
CA ILE A 298 -9.80 -16.20 2.47
C ILE A 298 -8.77 -15.25 1.86
N ASP A 299 -7.92 -15.78 0.96
CA ASP A 299 -7.03 -14.96 0.16
C ASP A 299 -7.78 -13.78 -0.44
N GLY A 300 -9.02 -14.01 -0.85
CA GLY A 300 -9.82 -12.99 -1.49
C GLY A 300 -10.26 -11.87 -0.57
N LEU A 301 -10.06 -12.02 0.74
CA LEU A 301 -10.44 -10.98 1.67
C LEU A 301 -9.40 -9.88 1.82
N ASP A 302 -8.23 -10.01 1.18
CA ASP A 302 -7.14 -9.07 1.40
C ASP A 302 -7.56 -7.65 1.02
N ARG A 303 -7.51 -6.74 2.01
CA ARG A 303 -7.77 -5.32 1.80
C ARG A 303 -6.60 -4.42 2.13
N ASN A 304 -5.38 -4.98 2.28
CA ASN A 304 -4.18 -4.19 2.64
C ASN A 304 -4.49 -3.25 3.82
N LEU A 305 -5.13 -3.80 4.85
CA LEU A 305 -5.70 -3.03 5.95
C LEU A 305 -4.82 -3.15 7.19
N HIS A 306 -4.26 -2.02 7.65
CA HIS A 306 -3.62 -1.95 8.95
C HIS A 306 -4.68 -1.67 10.02
N TYR A 307 -4.63 -2.43 11.11
CA TYR A 307 -5.41 -2.08 12.30
C TYR A 307 -4.64 -1.10 13.19
N PHE A 308 -3.33 -1.26 13.30
CA PHE A 308 -2.53 -0.35 14.09
C PHE A 308 -2.36 0.93 13.30
N ASN A 309 -3.07 1.98 13.70
CA ASN A 309 -2.92 3.28 13.05
C ASN A 309 -1.69 3.96 13.63
N SER A 310 -0.66 4.11 12.80
CA SER A 310 0.54 4.84 13.15
C SER A 310 0.71 5.88 12.05
N ASP A 311 0.21 7.09 12.30
CA ASP A 311 0.50 8.21 11.40
C ASP A 311 1.16 9.40 12.10
N SER A 312 1.16 9.43 13.43
CA SER A 312 1.97 10.41 14.14
C SER A 312 3.45 10.08 14.07
N PHE A 313 3.83 9.03 13.36
CA PHE A 313 5.22 8.63 13.20
C PHE A 313 5.61 8.53 11.73
N ALA A 314 4.74 8.98 10.83
CA ALA A 314 5.03 8.96 9.40
C ALA A 314 6.36 9.64 9.09
N SER A 315 6.67 10.71 9.84
CA SER A 315 7.90 11.46 9.64
C SER A 315 9.16 10.62 9.83
N HIS A 316 9.04 9.47 10.46
CA HIS A 316 10.24 8.78 10.92
C HIS A 316 11.00 8.16 9.74
N PRO A 317 12.31 8.44 9.63
CA PRO A 317 13.11 7.88 8.53
C PRO A 317 13.01 6.37 8.38
N ASN A 318 12.76 5.66 9.48
CA ASN A 318 12.64 4.21 9.44
C ASN A 318 11.20 3.74 9.52
N TYR A 319 10.22 4.63 9.36
CA TYR A 319 8.80 4.28 9.36
C TYR A 319 8.58 3.11 8.39
N PRO A 320 8.02 1.99 8.85
CA PRO A 320 8.12 0.72 8.12
C PRO A 320 7.46 0.71 6.75
N TYR A 321 6.18 1.03 6.65
CA TYR A 321 5.48 0.99 5.37
C TYR A 321 5.23 2.44 4.97
N SER A 322 6.26 3.06 4.42
CA SER A 322 6.24 4.48 4.06
C SER A 322 5.01 4.85 3.20
N GLN B 8 -19.66 21.63 -13.44
CA GLN B 8 -19.11 21.37 -14.78
C GLN B 8 -17.57 21.48 -14.83
N CYS B 9 -17.00 22.61 -14.39
CA CYS B 9 -15.55 22.82 -14.43
C CYS B 9 -15.01 23.19 -13.06
N VAL B 10 -13.75 22.83 -12.81
CA VAL B 10 -13.00 23.27 -11.64
C VAL B 10 -11.97 24.29 -12.08
N LYS B 11 -11.71 25.29 -11.23
CA LYS B 11 -10.66 26.26 -11.48
C LYS B 11 -9.30 25.64 -11.18
N LEU B 12 -8.33 25.88 -12.06
CA LEU B 12 -6.99 25.38 -11.85
C LEU B 12 -6.15 26.47 -11.21
N ASN B 13 -5.05 26.07 -10.57
CA ASN B 13 -4.22 27.06 -9.89
C ASN B 13 -3.61 28.09 -10.83
N ASP B 14 -3.74 27.95 -12.15
CA ASP B 14 -3.26 28.98 -13.06
C ASP B 14 -4.39 29.81 -13.66
N GLY B 15 -5.61 29.66 -13.15
CA GLY B 15 -6.73 30.47 -13.60
C GLY B 15 -7.53 29.88 -14.74
N HIS B 16 -7.08 28.75 -15.30
CA HIS B 16 -7.80 28.10 -16.39
C HIS B 16 -8.80 27.12 -15.79
N PHE B 17 -9.81 26.77 -16.58
CA PHE B 17 -10.89 25.92 -16.12
C PHE B 17 -10.80 24.56 -16.79
N MET B 18 -10.86 23.51 -15.99
CA MET B 18 -10.84 22.15 -16.49
C MET B 18 -12.19 21.49 -16.25
N PRO B 19 -12.82 20.89 -17.26
CA PRO B 19 -14.09 20.20 -17.02
C PRO B 19 -13.89 18.92 -16.22
N VAL B 20 -14.77 18.71 -15.23
CA VAL B 20 -14.48 17.66 -14.25
C VAL B 20 -14.73 16.26 -14.79
N LEU B 21 -15.35 16.13 -15.96
CA LEU B 21 -15.56 14.83 -16.59
C LEU B 21 -14.83 14.81 -17.93
N GLY B 22 -13.89 13.89 -18.07
CA GLY B 22 -13.08 13.80 -19.27
C GLY B 22 -13.29 12.49 -19.97
N PHE B 23 -13.20 12.52 -21.30
CA PHE B 23 -13.29 11.33 -22.13
C PHE B 23 -11.88 10.78 -22.34
N GLY B 24 -11.71 9.48 -22.09
CA GLY B 24 -10.44 8.82 -22.32
C GLY B 24 -10.40 8.20 -23.70
N THR B 25 -9.28 8.40 -24.41
CA THR B 25 -9.23 7.99 -25.79
C THR B 25 -8.25 6.87 -26.04
N TYR B 26 -7.66 6.27 -25.00
CA TYR B 26 -6.77 5.15 -25.25
C TYR B 26 -7.58 3.91 -25.62
N ALA B 27 -7.12 3.23 -26.65
CA ALA B 27 -7.63 1.95 -27.08
C ALA B 27 -6.42 1.16 -27.55
N PRO B 28 -6.36 -0.13 -27.26
CA PRO B 28 -5.19 -0.94 -27.66
C PRO B 28 -5.03 -0.95 -29.17
N PRO B 29 -3.82 -1.20 -29.67
CA PRO B 29 -3.60 -1.16 -31.13
C PRO B 29 -4.59 -1.99 -31.95
N GLU B 30 -5.21 -2.97 -31.33
CA GLU B 30 -6.16 -3.80 -32.07
C GLU B 30 -7.30 -2.97 -32.67
N VAL B 31 -7.95 -2.14 -31.85
CA VAL B 31 -8.96 -1.21 -32.32
C VAL B 31 -8.37 -0.37 -33.44
N PRO B 32 -8.93 -0.41 -34.65
CA PRO B 32 -8.37 0.36 -35.76
C PRO B 32 -8.52 1.85 -35.48
N ARG B 33 -7.57 2.63 -35.99
CA ARG B 33 -7.44 4.03 -35.59
C ARG B 33 -8.68 4.85 -35.92
N SER B 34 -9.42 4.43 -36.95
CA SER B 34 -10.62 5.17 -37.35
C SER B 34 -11.63 5.25 -36.21
N LYS B 35 -11.66 4.26 -35.31
CA LYS B 35 -12.64 4.31 -34.24
C LYS B 35 -12.41 5.50 -33.33
N ALA B 36 -11.15 5.92 -33.16
CA ALA B 36 -10.90 7.08 -32.29
C ALA B 36 -11.54 8.33 -32.87
N LEU B 37 -11.59 8.41 -34.22
CA LEU B 37 -12.31 9.49 -34.87
C LEU B 37 -13.79 9.43 -34.50
N GLU B 38 -14.39 8.26 -34.62
CA GLU B 38 -15.84 8.16 -34.44
C GLU B 38 -16.24 8.42 -32.99
N VAL B 39 -15.59 7.73 -32.06
CA VAL B 39 -16.02 7.80 -30.67
C VAL B 39 -15.76 9.19 -30.08
N THR B 40 -14.66 9.84 -30.46
CA THR B 40 -14.44 11.19 -29.94
C THR B 40 -15.58 12.12 -30.40
N LYS B 41 -16.02 12.00 -31.66
CA LYS B 41 -17.14 12.83 -32.08
C LYS B 41 -18.37 12.45 -31.26
N LEU B 42 -18.56 11.14 -31.03
CA LEU B 42 -19.66 10.68 -30.20
C LEU B 42 -19.56 11.29 -28.81
N ALA B 43 -18.36 11.26 -28.22
CA ALA B 43 -18.23 11.77 -26.85
C ALA B 43 -18.63 13.24 -26.82
N ILE B 44 -18.17 14.01 -27.81
CA ILE B 44 -18.49 15.42 -27.81
C ILE B 44 -19.99 15.63 -27.99
N GLU B 45 -20.60 14.84 -28.88
CA GLU B 45 -22.04 14.98 -29.07
C GLU B 45 -22.77 14.65 -27.78
N ALA B 46 -22.28 13.65 -27.03
CA ALA B 46 -22.90 13.28 -25.76
C ALA B 46 -22.74 14.36 -24.69
N GLY B 47 -21.76 15.24 -24.82
CA GLY B 47 -21.58 16.29 -23.85
C GLY B 47 -20.19 16.37 -23.24
N PHE B 48 -19.34 15.36 -23.45
CA PHE B 48 -17.97 15.48 -22.98
C PHE B 48 -17.32 16.72 -23.60
N ARG B 49 -16.53 17.44 -22.80
CA ARG B 49 -15.79 18.60 -23.27
C ARG B 49 -14.29 18.53 -22.98
N HIS B 50 -13.86 17.56 -22.19
CA HIS B 50 -12.48 17.29 -21.79
C HIS B 50 -12.06 16.01 -22.52
N ILE B 51 -11.01 16.07 -23.35
CA ILE B 51 -10.60 14.93 -24.16
C ILE B 51 -9.15 14.65 -23.81
N ASP B 52 -8.84 13.40 -23.45
CA ASP B 52 -7.52 13.01 -22.94
C ASP B 52 -6.79 12.17 -23.99
N SER B 53 -5.69 12.68 -24.50
CA SER B 53 -4.88 11.93 -25.46
C SER B 53 -3.42 11.99 -25.06
N ALA B 54 -2.51 11.48 -25.89
CA ALA B 54 -1.10 11.43 -25.59
C ALA B 54 -0.39 10.98 -26.85
N HIS B 55 0.86 11.42 -27.00
CA HIS B 55 1.69 10.92 -28.09
C HIS B 55 1.72 9.39 -28.11
N LEU B 56 1.79 8.79 -26.92
CA LEU B 56 1.83 7.33 -26.79
C LEU B 56 0.65 6.67 -27.49
N TYR B 57 -0.52 7.29 -27.48
CA TYR B 57 -1.73 6.57 -27.87
C TYR B 57 -1.84 6.38 -29.37
N ASN B 58 -0.94 6.95 -30.17
CA ASN B 58 -1.00 6.86 -31.61
C ASN B 58 -2.38 7.17 -32.15
N ASN B 59 -2.98 8.26 -31.63
CA ASN B 59 -4.31 8.62 -32.10
C ASN B 59 -4.55 10.12 -32.15
N GLU B 60 -3.52 10.96 -32.02
CA GLU B 60 -3.78 12.39 -31.93
C GLU B 60 -4.26 12.94 -33.26
N GLU B 61 -3.92 12.29 -34.38
CA GLU B 61 -4.48 12.74 -35.66
C GLU B 61 -5.99 12.54 -35.68
N GLN B 62 -6.46 11.36 -35.26
CA GLN B 62 -7.89 11.06 -35.34
C GLN B 62 -8.66 11.86 -34.31
N VAL B 63 -8.13 11.97 -33.08
CA VAL B 63 -8.78 12.75 -32.04
C VAL B 63 -8.82 14.22 -32.42
N GLY B 64 -7.69 14.75 -32.91
CA GLY B 64 -7.68 16.11 -33.38
C GLY B 64 -8.69 16.32 -34.50
N LEU B 65 -8.77 15.36 -35.45
CA LEU B 65 -9.73 15.46 -36.54
C LEU B 65 -11.17 15.47 -36.02
N ALA B 66 -11.46 14.64 -35.03
CA ALA B 66 -12.79 14.67 -34.41
C ALA B 66 -13.08 16.07 -33.83
N ILE B 67 -12.09 16.62 -33.15
CA ILE B 67 -12.30 17.91 -32.46
C ILE B 67 -12.57 18.99 -33.49
N ARG B 68 -11.66 19.09 -34.48
CA ARG B 68 -11.84 20.02 -35.59
C ARG B 68 -13.15 19.81 -36.32
N SER B 69 -13.60 18.58 -36.45
CA SER B 69 -14.84 18.36 -37.16
C SER B 69 -16.03 18.93 -36.39
N LYS B 70 -16.03 18.75 -35.07
CA LYS B 70 -17.17 19.22 -34.26
C LYS B 70 -17.15 20.74 -34.09
N ILE B 71 -15.96 21.33 -34.18
CA ILE B 71 -15.83 22.78 -34.23
C ILE B 71 -16.35 23.31 -35.57
N ALA B 72 -15.89 22.71 -36.68
CA ALA B 72 -16.21 23.24 -38.00
C ALA B 72 -17.65 22.96 -38.40
N ASP B 73 -18.32 21.99 -37.75
CA ASP B 73 -19.74 21.75 -38.04
C ASP B 73 -20.67 22.55 -37.15
N GLY B 74 -20.14 23.42 -36.29
CA GLY B 74 -20.98 24.30 -35.51
C GLY B 74 -21.40 23.75 -34.16
N SER B 75 -21.07 22.50 -33.83
CA SER B 75 -21.47 21.94 -32.54
C SER B 75 -20.85 22.70 -31.38
N VAL B 76 -19.55 22.97 -31.45
CA VAL B 76 -18.80 23.56 -30.35
C VAL B 76 -17.80 24.55 -30.96
N LYS B 77 -17.23 25.37 -30.09
CA LYS B 77 -16.09 26.18 -30.46
C LYS B 77 -14.85 25.60 -29.81
N ARG B 78 -13.69 26.02 -30.31
CA ARG B 78 -12.43 25.52 -29.76
C ARG B 78 -12.38 25.71 -28.26
N GLU B 79 -12.86 26.86 -27.79
CA GLU B 79 -12.78 27.17 -26.37
C GLU B 79 -13.68 26.29 -25.52
N ASP B 80 -14.69 25.66 -26.13
CA ASP B 80 -15.50 24.71 -25.37
C ASP B 80 -14.76 23.43 -25.07
N ILE B 81 -13.68 23.13 -25.79
CA ILE B 81 -13.01 21.84 -25.68
C ILE B 81 -11.74 21.99 -24.86
N PHE B 82 -11.58 21.12 -23.87
CA PHE B 82 -10.35 21.05 -23.11
C PHE B 82 -9.60 19.82 -23.60
N TYR B 83 -8.46 20.01 -24.23
CA TYR B 83 -7.75 18.92 -24.89
C TYR B 83 -6.41 18.67 -24.22
N THR B 84 -6.10 17.42 -23.96
CA THR B 84 -4.92 17.08 -23.18
C THR B 84 -4.03 16.19 -24.03
N SER B 85 -2.76 16.55 -24.14
CA SER B 85 -1.76 15.62 -24.64
C SER B 85 -0.69 15.42 -23.59
N LYS B 86 0.24 14.51 -23.86
CA LYS B 86 1.27 14.22 -22.88
C LYS B 86 2.58 14.00 -23.61
N LEU B 87 3.64 14.49 -22.98
CA LEU B 87 5.03 14.30 -23.39
C LEU B 87 5.50 12.88 -23.02
N TRP B 88 5.89 12.11 -24.01
CA TRP B 88 6.26 10.72 -23.75
C TRP B 88 7.65 10.62 -23.13
N SER B 89 7.87 9.56 -22.36
CA SER B 89 9.07 9.42 -21.54
C SER B 89 10.38 9.44 -22.34
N THR B 90 10.34 9.31 -23.66
CA THR B 90 11.57 9.43 -24.44
C THR B 90 11.94 10.87 -24.77
N PHE B 91 11.13 11.84 -24.35
CA PHE B 91 11.42 13.25 -24.66
C PHE B 91 11.61 14.08 -23.39
N HIS B 92 12.06 13.44 -22.31
CA HIS B 92 12.25 14.19 -21.08
C HIS B 92 13.41 15.18 -21.17
N ARG B 93 14.38 14.94 -22.05
CA ARG B 93 15.51 15.87 -22.12
C ARG B 93 15.00 17.21 -22.64
N PRO B 94 15.36 18.33 -21.97
CA PRO B 94 14.65 19.60 -22.20
C PRO B 94 14.56 20.04 -23.65
N GLU B 95 15.64 19.93 -24.43
CA GLU B 95 15.62 20.36 -25.82
C GLU B 95 14.62 19.58 -26.67
N LEU B 96 14.17 18.41 -26.20
CA LEU B 96 13.19 17.61 -26.91
C LEU B 96 11.74 17.94 -26.54
N VAL B 97 11.52 18.81 -25.56
CA VAL B 97 10.16 18.96 -25.04
C VAL B 97 9.29 19.77 -26.00
N ARG B 98 9.67 21.01 -26.30
CA ARG B 98 8.85 21.82 -27.19
C ARG B 98 8.69 21.17 -28.55
N PRO B 99 9.71 20.53 -29.15
CA PRO B 99 9.44 19.81 -30.40
C PRO B 99 8.41 18.71 -30.26
N ALA B 100 8.45 17.93 -29.17
CA ALA B 100 7.43 16.90 -28.98
C ALA B 100 6.04 17.52 -28.99
N LEU B 101 5.84 18.59 -28.21
CA LEU B 101 4.57 19.30 -28.23
C LEU B 101 4.22 19.74 -29.64
N GLU B 102 5.18 20.37 -30.33
CA GLU B 102 4.93 20.87 -31.67
C GLU B 102 4.49 19.73 -32.56
N ASN B 103 5.13 18.57 -32.39
CA ASN B 103 4.75 17.44 -33.21
C ASN B 103 3.33 17.02 -32.88
N SER B 104 3.01 16.85 -31.61
CA SER B 104 1.64 16.50 -31.28
C SER B 104 0.66 17.52 -31.88
N LEU B 105 1.01 18.81 -31.79
CA LEU B 105 0.09 19.81 -32.29
C LEU B 105 -0.12 19.65 -33.79
N LYS B 106 0.99 19.45 -34.53
CA LYS B 106 0.83 19.27 -35.98
C LYS B 106 0.06 18.00 -36.29
N LYS B 107 0.19 16.99 -35.44
CA LYS B 107 -0.58 15.78 -35.73
C LYS B 107 -2.07 15.99 -35.46
N ALA B 108 -2.39 16.75 -34.43
CA ALA B 108 -3.79 16.92 -34.05
C ALA B 108 -4.43 18.07 -34.80
N GLN B 109 -3.62 18.84 -35.54
CA GLN B 109 -4.09 19.98 -36.32
C GLN B 109 -4.70 21.05 -35.41
N LEU B 110 -4.11 21.24 -34.24
CA LEU B 110 -4.47 22.27 -33.28
C LEU B 110 -3.34 23.28 -33.12
N ASP B 111 -3.70 24.50 -32.69
CA ASP B 111 -2.72 25.55 -32.42
C ASP B 111 -2.16 25.49 -31.01
N TYR B 112 -2.91 24.92 -30.08
CA TYR B 112 -2.45 24.76 -28.72
C TYR B 112 -3.22 23.60 -28.11
N VAL B 113 -2.63 23.02 -27.05
CA VAL B 113 -3.38 22.13 -26.19
C VAL B 113 -3.77 22.89 -24.94
N ASP B 114 -4.92 22.53 -24.38
CA ASP B 114 -5.33 23.07 -23.10
C ASP B 114 -4.47 22.52 -21.96
N LEU B 115 -3.94 21.30 -22.09
CA LEU B 115 -3.13 20.69 -21.05
C LEU B 115 -2.03 19.82 -21.66
N TYR B 116 -0.79 20.05 -21.22
CA TYR B 116 0.34 19.18 -21.52
C TYR B 116 0.84 18.54 -20.23
N LEU B 117 1.10 17.25 -20.28
CA LEU B 117 1.46 16.49 -19.10
C LEU B 117 2.83 15.84 -19.32
N ILE B 118 3.63 15.79 -18.27
CA ILE B 118 4.70 14.79 -18.24
C ILE B 118 4.00 13.46 -18.05
N HIS B 119 4.05 12.60 -19.09
CA HIS B 119 3.26 11.37 -19.06
C HIS B 119 3.66 10.47 -17.87
N SER B 120 4.95 10.41 -17.54
CA SER B 120 5.46 9.53 -16.50
C SER B 120 6.78 10.08 -16.01
N PRO B 121 7.11 9.89 -14.73
CA PRO B 121 8.43 10.35 -14.25
C PRO B 121 9.58 9.51 -14.78
N MET B 122 9.32 8.30 -15.22
CA MET B 122 10.38 7.34 -15.56
C MET B 122 10.93 7.64 -16.96
N SER B 123 12.14 8.17 -17.03
CA SER B 123 12.72 8.59 -18.29
C SER B 123 13.21 7.42 -19.11
N LEU B 124 13.14 7.57 -20.43
CA LEU B 124 13.57 6.55 -21.37
C LEU B 124 14.61 7.13 -22.31
N LYS B 125 15.32 6.25 -22.97
CA LYS B 125 16.37 6.67 -23.88
C LYS B 125 15.75 7.36 -25.09
N PRO B 126 16.27 8.53 -25.49
CA PRO B 126 15.68 9.25 -26.63
C PRO B 126 15.81 8.47 -27.94
N GLY B 127 14.69 8.02 -28.51
CA GLY B 127 14.71 7.25 -29.73
C GLY B 127 13.33 7.04 -30.28
N GLU B 128 13.27 6.75 -31.58
CA GLU B 128 11.95 6.72 -32.23
C GLU B 128 11.13 5.51 -31.82
N GLU B 129 11.61 4.71 -30.87
CA GLU B 129 10.83 3.63 -30.28
C GLU B 129 10.10 4.14 -29.05
N LEU B 130 8.83 3.74 -28.91
CA LEU B 130 8.11 4.05 -27.69
C LEU B 130 8.78 3.38 -26.48
N SER B 131 9.13 2.11 -26.64
CA SER B 131 9.75 1.31 -25.59
C SER B 131 11.08 0.80 -26.12
N PRO B 132 12.16 1.59 -26.01
CA PRO B 132 13.48 1.08 -26.42
C PRO B 132 13.88 -0.09 -25.52
N THR B 133 14.10 -1.26 -26.13
CA THR B 133 14.53 -2.45 -25.41
C THR B 133 15.85 -2.88 -26.01
N ASP B 134 16.67 -3.53 -25.23
CA ASP B 134 17.95 -3.98 -25.72
C ASP B 134 17.87 -5.40 -26.24
N GLU B 135 19.02 -6.00 -26.43
CA GLU B 135 19.08 -7.37 -26.90
C GLU B 135 18.43 -8.29 -25.92
N ASN B 136 18.63 -8.00 -24.65
CA ASN B 136 18.08 -8.85 -23.61
C ASN B 136 16.61 -8.59 -23.34
N GLY B 137 15.95 -7.77 -24.16
CA GLY B 137 14.59 -7.38 -23.87
C GLY B 137 14.44 -6.45 -22.69
N LYS B 138 15.54 -5.86 -22.22
CA LYS B 138 15.50 -4.90 -21.13
C LYS B 138 15.19 -3.51 -21.67
N VAL B 139 14.25 -2.83 -21.02
CA VAL B 139 13.98 -1.44 -21.39
C VAL B 139 15.19 -0.58 -21.03
N ILE B 140 15.52 0.36 -21.91
CA ILE B 140 16.69 1.21 -21.80
C ILE B 140 16.28 2.51 -21.11
N PHE B 141 16.61 2.61 -19.83
CA PHE B 141 16.28 3.79 -19.04
C PHE B 141 17.12 4.99 -19.48
N ASP B 142 16.87 6.11 -18.82
CA ASP B 142 17.59 7.35 -19.03
C ASP B 142 17.53 8.12 -17.71
N ILE B 143 18.58 8.90 -17.41
CA ILE B 143 18.60 9.74 -16.22
C ILE B 143 18.44 11.19 -16.66
N VAL B 144 17.35 11.80 -16.22
CA VAL B 144 17.02 13.18 -16.58
C VAL B 144 16.49 13.86 -15.34
N ASP B 145 17.06 15.02 -15.02
CA ASP B 145 16.55 15.90 -13.96
C ASP B 145 15.17 16.42 -14.38
N LEU B 146 14.12 15.83 -13.81
CA LEU B 146 12.76 16.21 -14.20
C LEU B 146 12.48 17.68 -13.96
N CYS B 147 13.28 18.36 -13.14
CA CYS B 147 13.07 19.80 -12.96
C CYS B 147 13.40 20.56 -14.23
N THR B 148 14.45 20.15 -14.95
CA THR B 148 14.73 20.77 -16.25
C THR B 148 13.64 20.43 -17.27
N THR B 149 13.10 19.20 -17.21
CA THR B 149 11.95 18.90 -18.05
C THR B 149 10.79 19.85 -17.74
N TRP B 150 10.56 20.08 -16.46
CA TRP B 150 9.49 20.98 -16.05
C TRP B 150 9.72 22.38 -16.57
N GLU B 151 10.96 22.86 -16.51
CA GLU B 151 11.25 24.20 -17.01
C GLU B 151 10.93 24.30 -18.49
N ALA B 152 11.21 23.23 -19.25
CA ALA B 152 10.84 23.29 -20.67
C ALA B 152 9.32 23.20 -20.86
N MET B 153 8.61 22.52 -19.96
CA MET B 153 7.15 22.58 -19.99
C MET B 153 6.66 24.01 -19.74
N GLU B 154 7.23 24.65 -18.73
CA GLU B 154 6.88 26.03 -18.41
C GLU B 154 7.08 26.93 -19.62
N LYS B 155 8.21 26.74 -20.32
CA LYS B 155 8.46 27.51 -21.53
C LYS B 155 7.43 27.22 -22.61
N CYS B 156 6.86 26.01 -22.61
CA CYS B 156 5.75 25.73 -23.52
C CYS B 156 4.50 26.52 -23.16
N LYS B 157 4.25 26.67 -21.85
CA LYS B 157 3.14 27.51 -21.40
C LYS B 157 3.33 28.97 -21.82
N ASP B 158 4.55 29.49 -21.65
CA ASP B 158 4.87 30.86 -22.06
C ASP B 158 4.62 31.07 -23.54
N ALA B 159 4.93 30.09 -24.38
CA ALA B 159 4.71 30.25 -25.81
C ALA B 159 3.25 30.16 -26.21
N GLY B 160 2.36 29.83 -25.27
CA GLY B 160 0.97 29.63 -25.64
C GLY B 160 0.70 28.34 -26.39
N LEU B 161 1.70 27.45 -26.51
CA LEU B 161 1.47 26.12 -27.08
C LEU B 161 0.62 25.24 -26.17
N ALA B 162 0.65 25.50 -24.87
CA ALA B 162 -0.10 24.79 -23.85
C ALA B 162 -0.76 25.81 -22.94
N LYS B 163 -2.08 25.71 -22.73
CA LYS B 163 -2.72 26.63 -21.79
C LYS B 163 -2.31 26.32 -20.35
N SER B 164 -2.23 25.04 -19.98
CA SER B 164 -1.84 24.64 -18.65
C SER B 164 -0.88 23.48 -18.76
N ILE B 165 -0.13 23.22 -17.69
CA ILE B 165 0.84 22.14 -17.70
C ILE B 165 0.78 21.35 -16.41
N GLY B 166 1.04 20.04 -16.52
CA GLY B 166 0.93 19.22 -15.35
C GLY B 166 1.74 17.97 -15.54
N VAL B 167 1.52 17.02 -14.63
CA VAL B 167 2.28 15.80 -14.53
C VAL B 167 1.31 14.62 -14.43
N SER B 168 1.87 13.44 -14.63
CA SER B 168 1.09 12.22 -14.59
C SER B 168 1.95 11.13 -13.97
N ASN B 169 1.31 10.29 -13.16
CA ASN B 169 1.98 9.17 -12.47
C ASN B 169 3.09 9.62 -11.51
N PHE B 170 3.04 10.87 -11.01
CA PHE B 170 4.02 11.34 -10.04
C PHE B 170 3.58 10.93 -8.64
N ASN B 171 4.52 10.50 -7.82
CA ASN B 171 4.18 10.29 -6.41
C ASN B 171 4.39 11.59 -5.63
N ARG B 172 4.28 11.52 -4.31
CA ARG B 172 4.40 12.71 -3.47
C ARG B 172 5.81 13.29 -3.52
N ARG B 173 6.83 12.43 -3.46
CA ARG B 173 8.19 12.94 -3.52
C ARG B 173 8.44 13.69 -4.80
N GLN B 174 8.01 13.14 -5.94
CA GLN B 174 8.31 13.74 -7.24
C GLN B 174 7.55 15.05 -7.41
N LEU B 175 6.32 15.11 -6.90
CA LEU B 175 5.58 16.35 -6.87
C LEU B 175 6.33 17.41 -6.08
N GLU B 176 6.74 17.08 -4.85
CA GLU B 176 7.41 18.09 -4.00
C GLU B 176 8.71 18.53 -4.65
N MET B 177 9.44 17.60 -5.28
CA MET B 177 10.62 17.98 -6.06
C MET B 177 10.29 19.07 -7.07
N ILE B 178 9.10 18.99 -7.68
CA ILE B 178 8.72 20.06 -8.61
C ILE B 178 8.35 21.34 -7.85
N LEU B 179 7.55 21.20 -6.80
CA LEU B 179 7.02 22.37 -6.10
C LEU B 179 8.15 23.15 -5.43
N ASN B 180 9.04 22.45 -4.74
CA ASN B 180 10.12 23.08 -3.97
C ASN B 180 11.30 23.46 -4.83
N LYS B 181 11.11 23.61 -6.13
CA LYS B 181 12.22 23.81 -7.04
C LYS B 181 12.57 25.28 -7.18
N PRO B 182 13.85 25.65 -7.10
CA PRO B 182 14.24 27.04 -7.34
C PRO B 182 13.74 27.55 -8.68
N GLY B 183 13.13 28.73 -8.66
CA GLY B 183 12.73 29.38 -9.90
C GLY B 183 11.38 28.97 -10.47
N LEU B 184 10.66 28.06 -9.81
CA LEU B 184 9.35 27.61 -10.26
C LEU B 184 8.50 28.79 -10.73
N LYS B 185 8.07 28.74 -12.00
CA LYS B 185 7.20 29.76 -12.56
C LYS B 185 5.72 29.34 -12.51
N TYR B 186 5.44 28.06 -12.75
CA TYR B 186 4.09 27.52 -12.74
C TYR B 186 4.10 26.20 -11.99
N LYS B 187 3.18 26.03 -11.06
CA LYS B 187 2.98 24.74 -10.46
C LYS B 187 2.27 23.83 -11.46
N PRO B 188 2.44 22.52 -11.33
CA PRO B 188 1.56 21.61 -12.08
C PRO B 188 0.11 21.83 -11.66
N VAL B 189 -0.75 22.07 -12.64
CA VAL B 189 -2.17 22.21 -12.34
C VAL B 189 -2.79 20.88 -11.93
N CYS B 190 -2.17 19.77 -12.28
CA CYS B 190 -2.78 18.48 -11.98
C CYS B 190 -1.70 17.42 -11.89
N ASN B 191 -2.08 16.27 -11.32
CA ASN B 191 -1.31 15.03 -11.36
C ASN B 191 -2.31 13.95 -11.76
N GLN B 192 -2.11 13.38 -12.94
CA GLN B 192 -3.01 12.36 -13.45
C GLN B 192 -2.47 10.99 -13.09
N VAL B 193 -3.24 10.24 -12.31
CA VAL B 193 -2.79 8.99 -11.72
C VAL B 193 -3.93 7.99 -11.76
N GLU B 194 -3.59 6.72 -11.61
CA GLU B 194 -4.58 5.69 -11.45
C GLU B 194 -5.33 5.90 -10.14
N CYS B 195 -6.66 5.82 -10.21
CA CYS B 195 -7.50 6.11 -9.06
C CYS B 195 -8.90 5.56 -9.30
N HIS B 196 -9.39 4.78 -8.35
CA HIS B 196 -10.67 4.08 -8.43
C HIS B 196 -10.92 3.45 -7.06
N PRO B 197 -12.17 3.11 -6.74
CA PRO B 197 -12.49 2.71 -5.35
C PRO B 197 -11.58 1.63 -4.77
N TYR B 198 -11.00 0.78 -5.58
CA TYR B 198 -10.10 -0.24 -5.10
C TYR B 198 -8.67 0.32 -4.81
N PHE B 199 -8.41 1.54 -5.26
CA PHE B 199 -7.14 2.24 -5.09
C PHE B 199 -7.41 3.70 -5.13
N ASN B 200 -7.88 4.29 -4.04
CA ASN B 200 -8.34 5.65 -4.04
C ASN B 200 -7.50 6.85 -3.79
N ARG B 201 -6.21 6.66 -3.53
CA ARG B 201 -5.27 7.75 -3.40
C ARG B 201 -5.66 8.80 -2.42
N SER B 202 -6.24 8.41 -1.30
CA SER B 202 -6.71 9.37 -0.31
C SER B 202 -5.58 10.23 0.21
N LYS B 203 -4.44 9.60 0.55
CA LYS B 203 -3.29 10.38 1.00
C LYS B 203 -2.74 11.24 -0.14
N LEU B 204 -2.48 10.63 -1.30
CA LEU B 204 -2.07 11.43 -2.45
C LEU B 204 -3.07 12.54 -2.74
N LEU B 205 -4.37 12.24 -2.63
CA LEU B 205 -5.41 13.21 -2.97
C LEU B 205 -5.39 14.38 -2.01
N ASP B 206 -5.36 14.12 -0.70
CA ASP B 206 -5.33 15.24 0.23
C ASP B 206 -4.01 16.00 0.13
N PHE B 207 -2.92 15.31 -0.22
CA PHE B 207 -1.69 16.03 -0.49
C PHE B 207 -1.86 17.01 -1.63
N CYS B 208 -2.35 16.53 -2.78
CA CYS B 208 -2.59 17.40 -3.92
C CYS B 208 -3.56 18.52 -3.57
N LYS B 209 -4.64 18.20 -2.85
CA LYS B 209 -5.59 19.21 -2.40
C LYS B 209 -4.91 20.30 -1.60
N SER B 210 -4.04 19.91 -0.67
CA SER B 210 -3.35 20.88 0.16
C SER B 210 -2.50 21.83 -0.67
N LYS B 211 -1.98 21.36 -1.80
CA LYS B 211 -1.03 22.15 -2.58
C LYS B 211 -1.67 22.80 -3.80
N ASP B 212 -3.01 22.72 -3.93
CA ASP B 212 -3.75 23.31 -5.04
C ASP B 212 -3.47 22.58 -6.35
N ILE B 213 -3.25 21.27 -6.27
CA ILE B 213 -3.06 20.41 -7.43
C ILE B 213 -4.28 19.52 -7.58
N VAL B 214 -4.90 19.55 -8.76
CA VAL B 214 -6.04 18.70 -9.03
C VAL B 214 -5.55 17.28 -9.27
N LEU B 215 -6.22 16.31 -8.65
CA LEU B 215 -5.93 14.93 -8.97
C LEU B 215 -6.86 14.50 -10.10
N VAL B 216 -6.30 13.87 -11.13
CA VAL B 216 -7.09 13.35 -12.25
C VAL B 216 -7.00 11.84 -12.23
N ALA B 217 -8.17 11.20 -12.20
CA ALA B 217 -8.23 9.76 -12.11
C ALA B 217 -8.31 9.13 -13.49
N TYR B 218 -7.43 8.17 -13.74
CA TYR B 218 -7.54 7.27 -14.88
C TYR B 218 -7.73 5.83 -14.38
N SER B 219 -8.18 4.97 -15.30
CA SER B 219 -8.69 3.66 -14.92
C SER B 219 -9.71 3.80 -13.80
N ALA B 220 -10.40 4.95 -13.76
CA ALA B 220 -11.34 5.26 -12.69
C ALA B 220 -12.56 4.36 -12.73
N LEU B 221 -12.78 3.69 -13.85
CA LEU B 221 -13.83 2.69 -13.99
C LEU B 221 -13.28 1.29 -13.86
N GLY B 222 -11.97 1.15 -13.70
CA GLY B 222 -11.39 -0.15 -13.50
C GLY B 222 -10.39 -0.62 -14.51
N SER B 223 -9.94 0.23 -15.46
CA SER B 223 -8.83 -0.20 -16.32
C SER B 223 -9.71 -0.93 -17.34
N GLN B 224 -9.13 -1.31 -18.48
CA GLN B 224 -9.80 -1.92 -19.62
C GLN B 224 -9.27 -3.35 -19.55
N ARG B 225 -8.35 -3.64 -18.63
CA ARG B 225 -7.92 -5.00 -18.34
C ARG B 225 -7.26 -5.60 -19.58
N ASP B 226 -6.21 -4.92 -20.04
CA ASP B 226 -5.49 -5.40 -21.19
C ASP B 226 -4.68 -6.64 -20.84
N LYS B 227 -4.40 -7.49 -21.83
CA LYS B 227 -3.61 -8.69 -21.65
C LYS B 227 -2.22 -8.30 -21.26
N ARG B 228 -1.77 -7.22 -21.86
CA ARG B 228 -0.44 -6.73 -21.67
C ARG B 228 -0.03 -6.27 -20.26
N TRP B 229 -0.91 -5.61 -19.53
CA TRP B 229 -0.56 -5.08 -18.22
C TRP B 229 -1.47 -5.43 -17.08
N VAL B 230 -2.50 -6.24 -17.27
CA VAL B 230 -3.38 -6.51 -16.16
C VAL B 230 -3.67 -7.96 -15.96
N ASP B 231 -3.42 -8.47 -14.75
CA ASP B 231 -3.63 -9.89 -14.53
C ASP B 231 -5.12 -10.20 -14.58
N PRO B 232 -5.56 -11.11 -15.46
CA PRO B 232 -7.00 -11.36 -15.62
C PRO B 232 -7.66 -11.98 -14.40
N ASN B 233 -6.89 -12.31 -13.37
CA ASN B 233 -7.45 -12.81 -12.12
C ASN B 233 -7.84 -11.68 -11.18
N SER B 234 -7.59 -10.44 -11.57
CA SER B 234 -7.82 -9.31 -10.69
C SER B 234 -9.31 -8.95 -10.65
N PRO B 235 -9.80 -8.52 -9.49
CA PRO B 235 -11.23 -8.21 -9.37
C PRO B 235 -11.66 -7.10 -10.32
N VAL B 236 -12.88 -7.25 -10.85
CA VAL B 236 -13.47 -6.31 -11.80
C VAL B 236 -14.23 -5.24 -11.01
N LEU B 237 -13.62 -4.04 -10.91
CA LEU B 237 -14.16 -2.96 -10.08
C LEU B 237 -15.63 -2.66 -10.37
N LEU B 238 -16.10 -2.94 -11.59
CA LEU B 238 -17.49 -2.69 -11.93
C LEU B 238 -18.44 -3.78 -11.41
N GLU B 239 -17.92 -4.69 -10.58
CA GLU B 239 -18.74 -5.67 -9.88
C GLU B 239 -18.60 -5.57 -8.36
N ASP B 240 -18.00 -4.50 -7.85
CA ASP B 240 -17.87 -4.34 -6.41
C ASP B 240 -19.25 -4.22 -5.76
N PRO B 241 -19.53 -5.02 -4.72
CA PRO B 241 -20.84 -4.94 -4.04
C PRO B 241 -21.31 -3.53 -3.69
N VAL B 242 -20.51 -2.73 -2.97
CA VAL B 242 -20.98 -1.42 -2.53
C VAL B 242 -21.44 -0.59 -3.72
N LEU B 243 -20.69 -0.66 -4.84
CA LEU B 243 -21.07 0.08 -6.04
C LEU B 243 -22.45 -0.34 -6.52
N CYS B 244 -22.60 -1.60 -6.93
CA CYS B 244 -23.89 -2.07 -7.46
C CYS B 244 -25.04 -1.77 -6.51
N ALA B 245 -24.78 -1.91 -5.21
CA ALA B 245 -25.81 -1.62 -4.22
C ALA B 245 -26.27 -0.18 -4.34
N LEU B 246 -25.32 0.77 -4.30
CA LEU B 246 -25.76 2.15 -4.32
C LEU B 246 -26.24 2.56 -5.71
N ALA B 247 -25.92 1.77 -6.74
CA ALA B 247 -26.59 1.92 -8.04
C ALA B 247 -28.08 1.67 -7.88
N LYS B 248 -28.44 0.48 -7.40
CA LYS B 248 -29.84 0.15 -7.14
C LYS B 248 -30.51 1.27 -6.36
N LYS B 249 -29.85 1.73 -5.29
CA LYS B 249 -30.43 2.80 -4.48
C LYS B 249 -30.66 4.08 -5.30
N HIS B 250 -29.73 4.44 -6.19
CA HIS B 250 -29.80 5.68 -6.96
C HIS B 250 -30.35 5.48 -8.37
N LYS B 251 -30.64 4.24 -8.76
CA LYS B 251 -31.17 3.89 -10.08
C LYS B 251 -30.19 4.26 -11.20
N ARG B 252 -28.98 3.72 -11.09
CA ARG B 252 -27.87 4.05 -11.98
C ARG B 252 -27.12 2.77 -12.31
N THR B 253 -25.88 2.91 -12.75
CA THR B 253 -24.98 1.82 -13.10
C THR B 253 -23.74 1.84 -12.20
N PRO B 254 -22.97 0.75 -12.12
CA PRO B 254 -21.74 0.79 -11.30
C PRO B 254 -20.81 1.93 -11.69
N ALA B 255 -20.47 1.99 -12.99
CA ALA B 255 -19.61 3.05 -13.52
C ALA B 255 -20.10 4.43 -13.11
N LEU B 256 -21.42 4.65 -13.09
CA LEU B 256 -21.89 5.97 -12.69
C LEU B 256 -21.59 6.24 -11.22
N ILE B 257 -21.65 5.22 -10.36
CA ILE B 257 -21.26 5.45 -8.98
C ILE B 257 -19.77 5.73 -8.89
N ALA B 258 -18.95 4.93 -9.57
CA ALA B 258 -17.51 5.21 -9.60
C ALA B 258 -17.26 6.68 -9.94
N LEU B 259 -17.87 7.16 -11.03
CA LEU B 259 -17.57 8.50 -11.51
C LEU B 259 -18.08 9.56 -10.54
N ARG B 260 -19.32 9.40 -10.05
CA ARG B 260 -19.86 10.39 -9.12
C ARG B 260 -19.05 10.39 -7.83
N TYR B 261 -18.61 9.20 -7.40
CA TYR B 261 -17.74 9.04 -6.26
C TYR B 261 -16.52 9.92 -6.41
N GLN B 262 -15.78 9.72 -7.51
CA GLN B 262 -14.63 10.57 -7.75
C GLN B 262 -15.03 12.03 -7.79
N LEU B 263 -16.20 12.34 -8.34
CA LEU B 263 -16.55 13.74 -8.54
C LEU B 263 -16.85 14.45 -7.23
N GLN B 264 -17.37 13.74 -6.24
CA GLN B 264 -17.68 14.44 -5.01
C GLN B 264 -16.55 14.41 -3.99
N ARG B 265 -15.47 13.67 -4.27
CA ARG B 265 -14.19 13.81 -3.57
C ARG B 265 -13.31 14.92 -4.15
N GLY B 266 -13.83 15.75 -5.04
CA GLY B 266 -13.00 16.77 -5.65
C GLY B 266 -11.99 16.24 -6.66
N VAL B 267 -12.23 15.05 -7.21
CA VAL B 267 -11.33 14.43 -8.18
C VAL B 267 -11.90 14.62 -9.58
N VAL B 268 -11.09 15.14 -10.48
CA VAL B 268 -11.46 15.14 -11.90
C VAL B 268 -11.36 13.71 -12.42
N VAL B 269 -12.37 13.26 -13.16
CA VAL B 269 -12.46 11.85 -13.50
C VAL B 269 -12.55 11.68 -15.01
N LEU B 270 -11.77 10.72 -15.51
CA LEU B 270 -11.73 10.30 -16.90
C LEU B 270 -12.61 9.07 -17.08
N ALA B 271 -13.08 8.88 -18.30
CA ALA B 271 -13.92 7.74 -18.62
C ALA B 271 -13.72 7.41 -20.09
N LYS B 272 -13.06 6.29 -20.34
CA LYS B 272 -12.91 5.75 -21.67
C LYS B 272 -14.10 4.85 -22.02
N SER B 273 -14.67 5.11 -23.18
CA SER B 273 -15.66 4.20 -23.74
C SER B 273 -15.64 4.38 -25.23
N TYR B 274 -15.53 3.27 -25.96
CA TYR B 274 -15.73 3.24 -27.39
C TYR B 274 -17.11 2.67 -27.78
N ASN B 275 -18.08 2.73 -26.86
CA ASN B 275 -19.42 2.20 -27.05
C ASN B 275 -20.42 3.34 -26.96
N GLU B 276 -21.15 3.57 -28.06
CA GLU B 276 -22.00 4.77 -28.14
C GLU B 276 -22.98 4.84 -26.97
N GLN B 277 -23.58 3.71 -26.63
CA GLN B 277 -24.50 3.66 -25.49
C GLN B 277 -23.79 4.05 -24.20
N ARG B 278 -22.64 3.44 -23.92
CA ARG B 278 -21.93 3.73 -22.68
C ARG B 278 -21.39 5.16 -22.67
N ILE B 279 -20.91 5.65 -23.82
CA ILE B 279 -20.48 7.03 -23.94
C ILE B 279 -21.60 7.98 -23.50
N ARG B 280 -22.81 7.77 -24.03
CA ARG B 280 -23.89 8.66 -23.62
C ARG B 280 -24.31 8.39 -22.17
N GLN B 281 -24.11 7.17 -21.68
CA GLN B 281 -24.46 6.90 -20.29
C GLN B 281 -23.59 7.71 -19.33
N ASN B 282 -22.29 7.78 -19.60
CA ASN B 282 -21.37 8.33 -18.62
C ASN B 282 -21.63 9.80 -18.29
N VAL B 283 -22.24 10.57 -19.20
CA VAL B 283 -22.54 11.96 -18.88
C VAL B 283 -23.69 12.13 -17.91
N GLN B 284 -24.45 11.07 -17.62
CA GLN B 284 -25.49 11.16 -16.60
C GLN B 284 -24.93 11.42 -15.20
N VAL B 285 -23.61 11.34 -15.02
CA VAL B 285 -23.06 11.44 -13.68
C VAL B 285 -23.35 12.79 -13.05
N PHE B 286 -23.79 13.76 -13.83
CA PHE B 286 -24.17 15.05 -13.27
C PHE B 286 -25.63 15.11 -12.82
N GLU B 287 -26.36 14.00 -12.93
CA GLU B 287 -27.81 14.00 -12.72
C GLU B 287 -28.25 13.56 -11.32
N PHE B 288 -27.32 13.29 -10.40
CA PHE B 288 -27.72 12.79 -9.09
C PHE B 288 -26.62 13.08 -8.08
N GLN B 289 -26.95 12.89 -6.81
CA GLN B 289 -26.05 13.10 -5.69
C GLN B 289 -25.94 11.81 -4.87
N LEU B 290 -24.74 11.56 -4.35
CA LEU B 290 -24.58 10.55 -3.31
C LEU B 290 -24.48 11.24 -1.96
N THR B 291 -25.05 10.61 -0.93
CA THR B 291 -25.08 11.19 0.40
C THR B 291 -23.72 11.04 1.09
N ALA B 292 -23.52 11.83 2.14
CA ALA B 292 -22.29 11.75 2.92
C ALA B 292 -22.00 10.32 3.37
N GLU B 293 -23.06 9.54 3.67
CA GLU B 293 -22.85 8.16 4.05
C GLU B 293 -22.60 7.25 2.84
N ASP B 294 -23.22 7.55 1.70
CA ASP B 294 -22.82 6.89 0.46
C ASP B 294 -21.32 7.08 0.22
N MET B 295 -20.85 8.31 0.41
CA MET B 295 -19.42 8.59 0.29
C MET B 295 -18.62 7.75 1.27
N LYS B 296 -18.90 7.87 2.57
CA LYS B 296 -18.24 7.03 3.57
C LYS B 296 -18.20 5.55 3.19
N ALA B 297 -19.30 5.01 2.65
CA ALA B 297 -19.29 3.59 2.32
C ALA B 297 -18.39 3.31 1.12
N ILE B 298 -18.28 4.26 0.17
CA ILE B 298 -17.33 4.02 -0.91
C ILE B 298 -15.90 4.24 -0.41
N ASP B 299 -15.66 5.33 0.31
CA ASP B 299 -14.39 5.57 0.98
C ASP B 299 -13.86 4.31 1.65
N GLY B 300 -14.74 3.56 2.29
CA GLY B 300 -14.34 2.31 2.91
C GLY B 300 -13.89 1.21 1.96
N LEU B 301 -13.74 1.50 0.66
CA LEU B 301 -13.47 0.41 -0.28
C LEU B 301 -12.00 0.23 -0.65
N ASP B 302 -11.12 1.14 -0.25
CA ASP B 302 -9.74 1.11 -0.73
C ASP B 302 -9.05 -0.20 -0.35
N ARG B 303 -8.52 -0.90 -1.35
CA ARG B 303 -7.79 -2.15 -1.15
C ARG B 303 -6.35 -2.07 -1.62
N ASN B 304 -5.85 -0.87 -1.91
CA ASN B 304 -4.51 -0.64 -2.48
C ASN B 304 -4.21 -1.59 -3.63
N LEU B 305 -5.01 -1.47 -4.68
CA LEU B 305 -4.90 -2.33 -5.85
C LEU B 305 -4.67 -1.46 -7.08
N HIS B 306 -3.47 -1.53 -7.68
CA HIS B 306 -3.24 -0.85 -8.94
C HIS B 306 -3.29 -1.87 -10.07
N TYR B 307 -4.23 -1.66 -11.00
CA TYR B 307 -4.41 -2.57 -12.13
C TYR B 307 -3.19 -2.58 -13.02
N PHE B 308 -2.49 -1.45 -13.11
CA PHE B 308 -1.30 -1.36 -13.95
C PHE B 308 -0.18 -2.11 -13.26
N ASN B 309 0.03 -3.37 -13.65
CA ASN B 309 1.12 -4.17 -13.13
C ASN B 309 2.40 -3.61 -13.73
N SER B 310 3.08 -2.76 -12.96
CA SER B 310 4.32 -2.12 -13.37
C SER B 310 5.41 -2.61 -12.44
N ASP B 311 5.91 -3.81 -12.71
CA ASP B 311 6.96 -4.39 -11.88
C ASP B 311 8.29 -4.50 -12.59
N SER B 312 8.27 -4.77 -13.89
CA SER B 312 9.49 -4.87 -14.69
C SER B 312 10.29 -3.57 -14.71
N PHE B 313 9.74 -2.48 -14.15
CA PHE B 313 10.43 -1.21 -14.12
C PHE B 313 10.62 -0.69 -12.71
N ALA B 314 10.48 -1.57 -11.70
CA ALA B 314 10.86 -1.18 -10.34
C ALA B 314 12.32 -0.81 -10.25
N SER B 315 13.13 -1.20 -11.24
CA SER B 315 14.54 -0.84 -11.32
C SER B 315 14.76 0.63 -11.65
N HIS B 316 13.74 1.35 -12.11
CA HIS B 316 13.95 2.74 -12.54
C HIS B 316 14.10 3.65 -11.33
N PRO B 317 15.11 4.53 -11.31
CA PRO B 317 15.22 5.48 -10.18
C PRO B 317 13.94 6.24 -9.92
N ASN B 318 13.17 6.58 -10.96
CA ASN B 318 11.96 7.36 -10.80
C ASN B 318 10.71 6.48 -10.71
N TYR B 319 10.87 5.22 -10.44
CA TYR B 319 9.74 4.35 -10.29
C TYR B 319 8.91 4.87 -9.12
N PRO B 320 7.66 5.20 -9.40
CA PRO B 320 6.66 5.76 -8.50
C PRO B 320 6.15 4.96 -7.36
N TYR B 321 5.92 3.67 -7.42
CA TYR B 321 5.42 3.00 -6.21
C TYR B 321 6.49 2.39 -5.30
N SER B 322 7.33 3.20 -4.70
CA SER B 322 8.45 2.69 -3.91
C SER B 322 8.38 1.84 -2.61
N ASP B 323 7.56 2.16 -1.61
CA ASP B 323 7.56 1.28 -0.43
C ASP B 323 6.14 0.91 -0.21
N GLU B 324 5.68 0.15 -1.20
CA GLU B 324 4.37 -0.42 -1.32
C GLU B 324 4.19 -1.48 -0.26
N TYR B 325 5.27 -2.21 -0.09
CA TYR B 325 5.40 -3.31 0.82
C TYR B 325 6.89 -3.32 1.01
PA NAP C . -4.92 -11.01 18.48
O1A NAP C . -5.33 -10.37 17.16
O2A NAP C . -4.16 -12.33 18.50
O5B NAP C . -6.28 -11.27 19.32
C5B NAP C . -7.24 -10.22 19.37
C4B NAP C . -8.42 -10.54 20.28
O4B NAP C . -9.12 -11.70 19.80
C3B NAP C . -8.02 -10.89 21.71
O3B NAP C . -8.07 -9.77 22.58
C2B NAP C . -8.98 -11.98 22.16
O2B NAP C . -9.83 -11.52 23.19
C1B NAP C . -9.78 -12.33 20.92
N9A NAP C . -9.75 -13.80 20.76
C8A NAP C . -8.72 -14.62 21.06
N7A NAP C . -9.02 -15.91 20.78
C5A NAP C . -10.29 -15.93 20.32
C6A NAP C . -11.24 -16.96 19.84
N6A NAP C . -10.90 -18.26 19.82
N1A NAP C . -12.48 -16.54 19.43
C2A NAP C . -12.83 -15.24 19.46
N3A NAP C . -12.03 -14.25 19.88
C4A NAP C . -10.77 -14.52 20.31
O3 NAP C . -4.33 -9.93 19.48
PN NAP C . -3.01 -9.03 19.34
O1N NAP C . -2.74 -8.58 20.74
O2N NAP C . -3.23 -7.96 18.29
O5D NAP C . -1.92 -10.03 18.72
C5D NAP C . -1.41 -11.11 19.48
C4D NAP C . 0.01 -10.87 19.98
O4D NAP C . 0.87 -10.34 18.97
C3D NAP C . 0.10 -9.86 21.10
O3D NAP C . -0.46 -10.35 22.33
C2D NAP C . 1.60 -9.58 21.09
O2D NAP C . 2.27 -10.69 21.74
C1D NAP C . 1.92 -9.61 19.60
N1N NAP C . 1.96 -8.28 18.99
C2N NAP C . 3.12 -7.84 18.43
C3N NAP C . 3.19 -6.59 17.84
C7N NAP C . 4.51 -6.12 17.26
O7N NAP C . 4.65 -4.92 17.07
N7N NAP C . 5.48 -7.00 17.00
C4N NAP C . 2.08 -5.76 17.79
C5N NAP C . 0.89 -6.24 18.34
C6N NAP C . 0.86 -7.51 18.93
P2B NAP C . -9.90 -12.34 24.58
O1X NAP C . -8.62 -12.02 25.31
O2X NAP C . -11.12 -11.78 25.25
O3X NAP C . -10.02 -13.77 24.11
C00 FJU D . 1.38 -2.17 20.98
C01 FJU D . 1.03 -3.44 21.42
C02 FJU D . 1.89 -4.51 21.16
C03 FJU D . 3.09 -4.29 20.51
C04 FJU D . 6.24 4.46 16.52
C05 FJU D . 7.56 4.45 16.96
C06 FJU D . 8.02 3.33 17.62
C07 FJU D . 7.20 2.24 17.87
C08 FJU D . 5.42 3.36 16.74
C09 FJU D . 5.90 2.25 17.42
C13 FJU D . 4.44 1.00 18.78
C14 FJU D . 4.08 -0.40 19.23
C15 FJU D . 2.89 -0.65 19.90
C16 FJU D . 2.58 -1.95 20.31
C17 FJU D . 3.45 -3.01 20.07
C19 FJU D . 4.99 -1.53 18.97
C20 FJU D . 9.43 3.27 18.15
C21 FJU D . 10.50 3.75 17.19
N01 FJU D . 5.10 1.17 17.64
N02 FJU D . 6.17 -1.33 18.33
O01 FJU D . 4.63 -2.80 19.41
O02 FJU D . 3.92 -5.35 20.29
O04 FJU D . 4.11 1.95 19.49
PA NAP E . -11.48 3.30 -17.88
O1A NAP E . -11.12 2.74 -16.51
O2A NAP E . -12.02 4.71 -18.03
O5B NAP E . -12.65 2.36 -18.48
C5B NAP E . -12.50 0.94 -18.51
C4B NAP E . -13.59 0.27 -19.37
O4B NAP E . -14.90 0.48 -18.83
C3B NAP E . -13.66 0.80 -20.78
O3B NAP E . -12.88 -0.06 -21.62
C2B NAP E . -15.14 0.78 -21.16
O2B NAP E . -15.41 -0.24 -22.11
C1B NAP E . -15.86 0.40 -19.89
N9A NAP E . -16.95 1.33 -19.60
C8A NAP E . -16.91 2.67 -19.70
N7A NAP E . -18.09 3.22 -19.31
C5A NAP E . -18.89 2.20 -18.94
C6A NAP E . -20.27 2.08 -18.44
N6A NAP E . -21.02 3.20 -18.26
N1A NAP E . -20.73 0.82 -18.18
C2A NAP E . -19.97 -0.28 -18.37
N3A NAP E . -18.72 -0.24 -18.84
C4A NAP E . -18.14 0.95 -19.13
O3 NAP E . -10.29 2.95 -18.89
PN NAP E . -8.75 3.49 -18.93
O1N NAP E . -8.35 3.38 -20.38
O2N NAP E . -7.91 2.78 -17.92
O5D NAP E . -8.82 5.02 -18.40
C5D NAP E . -9.48 6.02 -19.18
C4D NAP E . -8.45 6.90 -19.85
O4D NAP E . -7.47 7.35 -18.93
C3D NAP E . -7.65 6.21 -20.93
O3D NAP E . -8.43 6.07 -22.11
C2D NAP E . -6.46 7.14 -21.06
O2D NAP E . -6.89 8.25 -21.85
C1D NAP E . -6.27 7.62 -19.62
N1N NAP E . -5.15 6.89 -19.02
C2N NAP E . -4.05 7.58 -18.66
C3N NAP E . -2.96 6.91 -18.12
C7N NAP E . -1.70 7.60 -17.68
O7N NAP E . -0.73 6.90 -17.49
N7N NAP E . -1.71 8.93 -17.44
C4N NAP E . -3.00 5.53 -17.99
C5N NAP E . -4.15 4.84 -18.39
C6N NAP E . -5.21 5.55 -18.90
P2B NAP E . -16.08 0.11 -23.53
O1X NAP E . -15.01 0.90 -24.26
O2X NAP E . -16.31 -1.23 -24.18
O3X NAP E . -17.32 0.86 -23.15
C00 FJU F . -1.00 2.79 -21.20
C01 FJU F . -2.20 3.37 -21.52
C02 FJU F . -2.40 4.71 -21.25
C03 FJU F . -1.39 5.45 -20.70
C04 FJU F . 7.07 5.27 -19.47
C05 FJU F . 7.99 4.48 -18.89
C06 FJU F . 7.64 3.39 -18.15
C07 FJU F . 6.33 3.07 -17.96
C08 FJU F . 5.76 4.97 -19.29
C09 FJU F . 5.42 3.91 -18.55
C13 FJU F . 3.51 3.11 -19.39
C14 FJU F . 2.19 3.68 -19.76
C15 FJU F . 1.20 2.95 -20.32
C16 FJU F . 0.00 3.54 -20.63
C17 FJU F . -0.21 4.86 -20.38
C19 FJU F . 1.93 5.10 -19.50
C20 FJU F . 8.72 2.56 -17.56
C21 FJU F . 8.43 1.11 -17.88
N01 FJU F . 4.13 3.67 -18.42
N02 FJU F . 2.88 5.87 -18.97
O01 FJU F . 0.74 5.61 -19.83
O02 FJU F . -1.60 6.75 -20.46
O04 FJU F . 4.00 2.16 -19.93
#